data_153D
# 
_entry.id   153D 
# 
_audit_conform.dict_name       mmcif_pdbx.dic 
_audit_conform.dict_version    5.385 
_audit_conform.dict_location   http://mmcif.pdb.org/dictionaries/ascii/mmcif_pdbx.dic 
# 
loop_
_database_2.database_id 
_database_2.database_code 
_database_2.pdbx_database_accession 
_database_2.pdbx_DOI 
PDB   153D         pdb_0000153d 10.2210/pdb153d/pdb 
RCSB  BDLB53       ?            ?                   
WWPDB D_1000170122 ?            ?                   
# 
loop_
_pdbx_audit_revision_history.ordinal 
_pdbx_audit_revision_history.data_content_type 
_pdbx_audit_revision_history.major_revision 
_pdbx_audit_revision_history.minor_revision 
_pdbx_audit_revision_history.revision_date 
1 'Structure model' 1 0 1994-01-15 
2 'Structure model' 1 1 2008-05-22 
3 'Structure model' 1 2 2011-07-13 
4 'Structure model' 1 3 2018-04-18 
5 'Structure model' 1 4 2024-02-07 
# 
_pdbx_audit_revision_details.ordinal             1 
_pdbx_audit_revision_details.revision_ordinal    1 
_pdbx_audit_revision_details.data_content_type   'Structure model' 
_pdbx_audit_revision_details.provider            repository 
_pdbx_audit_revision_details.type                'Initial release' 
_pdbx_audit_revision_details.description         ? 
_pdbx_audit_revision_details.details             ? 
# 
loop_
_pdbx_audit_revision_group.ordinal 
_pdbx_audit_revision_group.revision_ordinal 
_pdbx_audit_revision_group.data_content_type 
_pdbx_audit_revision_group.group 
1 2 'Structure model' 'Version format compliance' 
2 3 'Structure model' 'Version format compliance' 
3 4 'Structure model' 'Data collection'           
4 5 'Structure model' 'Data collection'           
5 5 'Structure model' 'Database references'       
6 5 'Structure model' 'Derived calculations'      
# 
loop_
_pdbx_audit_revision_category.ordinal 
_pdbx_audit_revision_category.revision_ordinal 
_pdbx_audit_revision_category.data_content_type 
_pdbx_audit_revision_category.category 
1 4 'Structure model' diffrn_detector 
2 5 'Structure model' chem_comp_atom  
3 5 'Structure model' chem_comp_bond  
4 5 'Structure model' database_2      
5 5 'Structure model' struct_conn     
# 
loop_
_pdbx_audit_revision_item.ordinal 
_pdbx_audit_revision_item.revision_ordinal 
_pdbx_audit_revision_item.data_content_type 
_pdbx_audit_revision_item.item 
1 4 'Structure model' '_diffrn_detector.detector'           
2 5 'Structure model' '_database_2.pdbx_DOI'                
3 5 'Structure model' '_database_2.pdbx_database_accession' 
4 5 'Structure model' '_struct_conn.pdbx_leaving_atom_flag' 
# 
_pdbx_database_status.status_code                     REL 
_pdbx_database_status.entry_id                        153D 
_pdbx_database_status.recvd_initial_deposition_date   1993-12-16 
_pdbx_database_status.deposit_site                    BNL 
_pdbx_database_status.process_site                    NDB 
_pdbx_database_status.SG_entry                        . 
_pdbx_database_status.pdb_format_compatible           Y 
_pdbx_database_status.status_code_mr                  ? 
_pdbx_database_status.status_code_sf                  ? 
_pdbx_database_status.status_code_cs                  ? 
_pdbx_database_status.methods_development_category    ? 
_pdbx_database_status.status_code_nmr_data            ? 
# 
loop_
_audit_author.name 
_audit_author.pdbx_ordinal 
'Ginell, S.L.'     1 
'Vojtechovsky, J.' 2 
'Gaffney, B.'      3 
'Jones, R.'        4 
'Berman, H.M.'     5 
# 
_citation.id                        primary 
_citation.title                     
'Crystal structure of a mispaired dodecamer, d(CGAGAATTC(O6Me)GCG)2, containing a carcinogenic O6-methylguanine' 
_citation.journal_abbrev            Biochemistry 
_citation.journal_volume            33 
_citation.page_first                3487 
_citation.page_last                 3493 
_citation.year                      1994 
_citation.journal_id_ASTM           BICHAW 
_citation.country                   US 
_citation.journal_id_ISSN           0006-2960 
_citation.journal_id_CSD            0033 
_citation.book_publisher            ? 
_citation.pdbx_database_id_PubMed   8142345 
_citation.pdbx_database_id_DOI      10.1021/bi00178a004 
# 
loop_
_citation_author.citation_id 
_citation_author.name 
_citation_author.ordinal 
_citation_author.identifier_ORCID 
primary 'Ginell, S.L.'     1 ? 
primary 'Vojtechovsky, J.' 2 ? 
primary 'Gaffney, B.'      3 ? 
primary 'Jones, R.'        4 ? 
primary 'Berman, H.M.'     5 ? 
# 
loop_
_entity.id 
_entity.type 
_entity.src_method 
_entity.pdbx_description 
_entity.formula_weight 
_entity.pdbx_number_of_molecules 
_entity.pdbx_ec 
_entity.pdbx_mutation 
_entity.pdbx_fragment 
_entity.details 
1 polymer syn 
;DNA (5'-D(*CP*GP*AP*GP*AP*AP*TP*TP*CP*(6OG)P*CP*G)-3')
;
3701.444 2  ? ? ? ? 
2 water   nat water                                                    18.015   49 ? ? ? ? 
# 
_entity_poly.entity_id                      1 
_entity_poly.type                           polydeoxyribonucleotide 
_entity_poly.nstd_linkage                   no 
_entity_poly.nstd_monomer                   yes 
_entity_poly.pdbx_seq_one_letter_code       '(DC)(DG)(DA)(DG)(DA)(DA)(DT)(DT)(DC)(6OG)(DC)(DG)' 
_entity_poly.pdbx_seq_one_letter_code_can   CGAGAATTCGCG 
_entity_poly.pdbx_strand_id                 A,B 
_entity_poly.pdbx_target_identifier         ? 
# 
_pdbx_entity_nonpoly.entity_id   2 
_pdbx_entity_nonpoly.name        water 
_pdbx_entity_nonpoly.comp_id     HOH 
# 
loop_
_entity_poly_seq.entity_id 
_entity_poly_seq.num 
_entity_poly_seq.mon_id 
_entity_poly_seq.hetero 
1 1  DC  n 
1 2  DG  n 
1 3  DA  n 
1 4  DG  n 
1 5  DA  n 
1 6  DA  n 
1 7  DT  n 
1 8  DT  n 
1 9  DC  n 
1 10 6OG n 
1 11 DC  n 
1 12 DG  n 
# 
loop_
_chem_comp.id 
_chem_comp.type 
_chem_comp.mon_nstd_flag 
_chem_comp.name 
_chem_comp.pdbx_synonyms 
_chem_comp.formula 
_chem_comp.formula_weight 
6OG 'DNA linking' n 
;6-O-METHYL GUANOSINE-5'-MONOPHOSPHATE
;
? 'C11 H16 N5 O7 P' 361.248 
DA  'DNA linking' y "2'-DEOXYADENOSINE-5'-MONOPHOSPHATE"    ? 'C10 H14 N5 O6 P' 331.222 
DC  'DNA linking' y "2'-DEOXYCYTIDINE-5'-MONOPHOSPHATE"     ? 'C9 H14 N3 O7 P'  307.197 
DG  'DNA linking' y "2'-DEOXYGUANOSINE-5'-MONOPHOSPHATE"    ? 'C10 H14 N5 O7 P' 347.221 
DT  'DNA linking' y "THYMIDINE-5'-MONOPHOSPHATE"            ? 'C10 H15 N2 O8 P' 322.208 
HOH non-polymer   . WATER                                   ? 'H2 O'            18.015  
# 
loop_
_pdbx_poly_seq_scheme.asym_id 
_pdbx_poly_seq_scheme.entity_id 
_pdbx_poly_seq_scheme.seq_id 
_pdbx_poly_seq_scheme.mon_id 
_pdbx_poly_seq_scheme.ndb_seq_num 
_pdbx_poly_seq_scheme.pdb_seq_num 
_pdbx_poly_seq_scheme.auth_seq_num 
_pdbx_poly_seq_scheme.pdb_mon_id 
_pdbx_poly_seq_scheme.auth_mon_id 
_pdbx_poly_seq_scheme.pdb_strand_id 
_pdbx_poly_seq_scheme.pdb_ins_code 
_pdbx_poly_seq_scheme.hetero 
A 1 1  DC  1  1  1  DC  C  A . n 
A 1 2  DG  2  2  2  DG  G  A . n 
A 1 3  DA  3  3  3  DA  A  A . n 
A 1 4  DG  4  4  4  DG  G  A . n 
A 1 5  DA  5  5  5  DA  A  A . n 
A 1 6  DA  6  6  6  DA  A  A . n 
A 1 7  DT  7  7  7  DT  T  A . n 
A 1 8  DT  8  8  8  DT  T  A . n 
A 1 9  DC  9  9  9  DC  C  A . n 
A 1 10 6OG 10 10 10 6OG +G A . n 
A 1 11 DC  11 11 11 DC  C  A . n 
A 1 12 DG  12 12 12 DG  G  A . n 
B 1 1  DC  1  13 13 DC  C  B . n 
B 1 2  DG  2  14 14 DG  G  B . n 
B 1 3  DA  3  15 15 DA  A  B . n 
B 1 4  DG  4  16 16 DG  G  B . n 
B 1 5  DA  5  17 17 DA  A  B . n 
B 1 6  DA  6  18 18 DA  A  B . n 
B 1 7  DT  7  19 19 DT  T  B . n 
B 1 8  DT  8  20 20 DT  T  B . n 
B 1 9  DC  9  21 21 DC  C  B . n 
B 1 10 6OG 10 22 22 6OG +G B . n 
B 1 11 DC  11 23 23 DC  C  B . n 
B 1 12 DG  12 24 24 DG  G  B . n 
# 
loop_
_pdbx_nonpoly_scheme.asym_id 
_pdbx_nonpoly_scheme.entity_id 
_pdbx_nonpoly_scheme.mon_id 
_pdbx_nonpoly_scheme.ndb_seq_num 
_pdbx_nonpoly_scheme.pdb_seq_num 
_pdbx_nonpoly_scheme.auth_seq_num 
_pdbx_nonpoly_scheme.pdb_mon_id 
_pdbx_nonpoly_scheme.auth_mon_id 
_pdbx_nonpoly_scheme.pdb_strand_id 
_pdbx_nonpoly_scheme.pdb_ins_code 
C 2 HOH 1  25 25 HOH HOH A . 
C 2 HOH 2  26 26 HOH HOH A . 
C 2 HOH 3  27 27 HOH HOH A . 
C 2 HOH 4  28 28 HOH HOH A . 
C 2 HOH 5  29 29 HOH HOH A . 
C 2 HOH 6  30 30 HOH HOH A . 
C 2 HOH 7  31 31 HOH HOH A . 
C 2 HOH 8  32 32 HOH HOH A . 
C 2 HOH 9  33 33 HOH HOH A . 
C 2 HOH 10 34 34 HOH HOH A . 
C 2 HOH 11 35 35 HOH HOH A . 
C 2 HOH 12 36 36 HOH HOH A . 
C 2 HOH 13 37 37 HOH HOH A . 
C 2 HOH 14 38 38 HOH HOH A . 
C 2 HOH 15 39 39 HOH HOH A . 
C 2 HOH 16 40 40 HOH HOH A . 
C 2 HOH 17 41 41 HOH HOH A . 
C 2 HOH 18 42 42 HOH HOH A . 
C 2 HOH 19 43 43 HOH HOH A . 
C 2 HOH 20 44 44 HOH HOH A . 
C 2 HOH 21 45 45 HOH HOH A . 
C 2 HOH 22 46 46 HOH HOH A . 
C 2 HOH 23 47 47 HOH HOH A . 
C 2 HOH 24 48 48 HOH HOH A . 
C 2 HOH 25 49 49 HOH HOH A . 
C 2 HOH 26 50 50 HOH HOH A . 
C 2 HOH 27 68 68 HOH HOH A . 
D 2 HOH 1  51 51 HOH HOH B . 
D 2 HOH 2  52 52 HOH HOH B . 
D 2 HOH 3  53 53 HOH HOH B . 
D 2 HOH 4  54 54 HOH HOH B . 
D 2 HOH 5  55 55 HOH HOH B . 
D 2 HOH 6  56 56 HOH HOH B . 
D 2 HOH 7  57 57 HOH HOH B . 
D 2 HOH 8  58 58 HOH HOH B . 
D 2 HOH 9  59 59 HOH HOH B . 
D 2 HOH 10 60 60 HOH HOH B . 
D 2 HOH 11 61 61 HOH HOH B . 
D 2 HOH 12 62 62 HOH HOH B . 
D 2 HOH 13 63 63 HOH HOH B . 
D 2 HOH 14 64 64 HOH HOH B . 
D 2 HOH 15 65 65 HOH HOH B . 
D 2 HOH 16 66 66 HOH HOH B . 
D 2 HOH 17 67 67 HOH HOH B . 
D 2 HOH 18 69 69 HOH HOH B . 
D 2 HOH 19 70 70 HOH HOH B . 
D 2 HOH 20 71 71 HOH HOH B . 
D 2 HOH 21 72 72 HOH HOH B . 
D 2 HOH 22 73 73 HOH HOH B . 
# 
_software.name             NUCLSQ 
_software.classification   refinement 
_software.version          . 
_software.citation_id      ? 
_software.pdbx_ordinal     1 
# 
_cell.entry_id           153D 
_cell.length_a           25.130 
_cell.length_b           40.450 
_cell.length_c           64.510 
_cell.angle_alpha        90.00 
_cell.angle_beta         90.00 
_cell.angle_gamma        90.00 
_cell.Z_PDB              8 
_cell.pdbx_unique_axis   ? 
# 
_symmetry.entry_id                         153D 
_symmetry.space_group_name_H-M             'P 21 21 21' 
_symmetry.pdbx_full_space_group_name_H-M   ? 
_symmetry.cell_setting                     ? 
_symmetry.Int_Tables_number                19 
# 
_exptl.entry_id          153D 
_exptl.method            'X-RAY DIFFRACTION' 
_exptl.crystals_number   ? 
# 
_exptl_crystal.id                    1 
_exptl_crystal.density_meas          ? 
_exptl_crystal.density_Matthews      2.21 
_exptl_crystal.density_percent_sol   44.46 
_exptl_crystal.description           ? 
# 
_exptl_crystal_grow.crystal_id      1 
_exptl_crystal_grow.method          'VAPOR DIFFUSION' 
_exptl_crystal_grow.temp            277.00 
_exptl_crystal_grow.temp_details    ? 
_exptl_crystal_grow.pH              7.00 
_exptl_crystal_grow.pdbx_details    'pH 7.00, VAPOR DIFFUSION, temperature 277.00K' 
_exptl_crystal_grow.pdbx_pH_range   ? 
# 
loop_
_exptl_crystal_grow_comp.crystal_id 
_exptl_crystal_grow_comp.id 
_exptl_crystal_grow_comp.sol_id 
_exptl_crystal_grow_comp.name 
_exptl_crystal_grow_comp.volume 
_exptl_crystal_grow_comp.conc 
_exptl_crystal_grow_comp.details 
1 1 1 WATER           ? ? ? 
1 2 1 MPD             ? ? ? 
1 3 1 MGCL2           ? ? ? 
1 4 1 SPERMINE_HCL    ? ? ? 
1 5 1 'NA CACODYLATE' ? ? ? 
1 6 2 WATER           ? ? ? 
1 7 2 MPD             ? ? ? 
# 
_diffrn.id                     1 
_diffrn.ambient_temp           133.00 
_diffrn.ambient_temp_details   ? 
_diffrn.crystal_id             1 
# 
_diffrn_detector.diffrn_id              1 
_diffrn_detector.detector               DIFFRACTOMETER 
_diffrn_detector.type                   'ENRAF-NONIUS CAD4' 
_diffrn_detector.pdbx_collection_date   ? 
_diffrn_detector.details                ? 
# 
_diffrn_radiation.diffrn_id                        1 
_diffrn_radiation.wavelength_id                    1 
_diffrn_radiation.pdbx_monochromatic_or_laue_m_l   ? 
_diffrn_radiation.monochromator                    ? 
_diffrn_radiation.pdbx_diffrn_protocol             ? 
_diffrn_radiation.pdbx_scattering_type             x-ray 
# 
_diffrn_radiation_wavelength.id           1 
_diffrn_radiation_wavelength.wavelength   . 
_diffrn_radiation_wavelength.wt           1.0 
# 
_diffrn_source.diffrn_id                   1 
_diffrn_source.source                      'ROTATING ANODE' 
_diffrn_source.type                        'ENRAF-NONIUS FR571' 
_diffrn_source.pdbx_synchrotron_site       ? 
_diffrn_source.pdbx_synchrotron_beamline   ? 
_diffrn_source.pdbx_wavelength             ? 
_diffrn_source.pdbx_wavelength_list        ? 
# 
_reflns.entry_id                     153D 
_reflns.observed_criterion_sigma_I   ? 
_reflns.observed_criterion_sigma_F   ? 
_reflns.d_resolution_low             ? 
_reflns.d_resolution_high            2.300 
_reflns.number_obs                   2924 
_reflns.number_all                   ? 
_reflns.percent_possible_obs         ? 
_reflns.pdbx_Rmerge_I_obs            ? 
_reflns.pdbx_Rsym_value              ? 
_reflns.pdbx_netI_over_sigmaI        ? 
_reflns.B_iso_Wilson_estimate        ? 
_reflns.pdbx_redundancy              ? 
_reflns.pdbx_diffrn_id               1 
_reflns.pdbx_ordinal                 1 
# 
_refine.entry_id                                 153D 
_refine.ls_number_reflns_obs                     1031 
_refine.ls_number_reflns_all                     ? 
_refine.pdbx_ls_sigma_I                          ? 
_refine.pdbx_ls_sigma_F                          2.000 
_refine.pdbx_data_cutoff_high_absF               ? 
_refine.pdbx_data_cutoff_low_absF                ? 
_refine.pdbx_data_cutoff_high_rms_absF           ? 
_refine.ls_d_res_low                             8.000 
_refine.ls_d_res_high                            2.900 
_refine.ls_percent_reflns_obs                    ? 
_refine.ls_R_factor_obs                          0.169 
_refine.ls_R_factor_all                          ? 
_refine.ls_R_factor_R_work                       ? 
_refine.ls_R_factor_R_free                       ? 
_refine.ls_R_factor_R_free_error                 ? 
_refine.ls_R_factor_R_free_error_details         ? 
_refine.ls_percent_reflns_R_free                 ? 
_refine.ls_number_reflns_R_free                  ? 
_refine.ls_number_parameters                     ? 
_refine.ls_number_restraints                     ? 
_refine.occupancy_min                            ? 
_refine.occupancy_max                            ? 
_refine.B_iso_mean                               ? 
_refine.aniso_B[1][1]                            ? 
_refine.aniso_B[2][2]                            ? 
_refine.aniso_B[3][3]                            ? 
_refine.aniso_B[1][2]                            ? 
_refine.aniso_B[1][3]                            ? 
_refine.aniso_B[2][3]                            ? 
_refine.solvent_model_details                    ? 
_refine.solvent_model_param_ksol                 ? 
_refine.solvent_model_param_bsol                 ? 
_refine.pdbx_ls_cross_valid_method               ? 
_refine.details                                  ? 
_refine.pdbx_starting_model                      ? 
_refine.pdbx_method_to_determine_struct          ? 
_refine.pdbx_isotropic_thermal_model             ? 
_refine.pdbx_stereochemistry_target_values       ? 
_refine.pdbx_stereochem_target_val_spec_case     ? 
_refine.pdbx_R_Free_selection_details            ? 
_refine.pdbx_overall_ESU_R                       ? 
_refine.pdbx_overall_ESU_R_Free                  ? 
_refine.overall_SU_ML                            ? 
_refine.overall_SU_B                             ? 
_refine.pdbx_refine_id                           'X-RAY DIFFRACTION' 
_refine.pdbx_diffrn_id                           1 
_refine.pdbx_TLS_residual_ADP_flag               ? 
_refine.correlation_coeff_Fo_to_Fc               ? 
_refine.correlation_coeff_Fo_to_Fc_free          ? 
_refine.pdbx_solvent_vdw_probe_radii             ? 
_refine.pdbx_solvent_ion_probe_radii             ? 
_refine.pdbx_solvent_shrinkage_radii             ? 
_refine.pdbx_overall_phase_error                 ? 
_refine.overall_SU_R_Cruickshank_DPI             ? 
_refine.pdbx_overall_SU_R_free_Cruickshank_DPI   ? 
_refine.pdbx_overall_SU_R_Blow_DPI               ? 
_refine.pdbx_overall_SU_R_free_Blow_DPI          ? 
# 
_refine_hist.pdbx_refine_id                   'X-RAY DIFFRACTION' 
_refine_hist.cycle_id                         LAST 
_refine_hist.pdbx_number_atoms_protein        0 
_refine_hist.pdbx_number_atoms_nucleic_acid   490 
_refine_hist.pdbx_number_atoms_ligand         2 
_refine_hist.number_atoms_solvent             49 
_refine_hist.number_atoms_total               541 
_refine_hist.d_res_high                       2.900 
_refine_hist.d_res_low                        8.000 
# 
loop_
_refine_ls_restr.type 
_refine_ls_restr.dev_ideal 
_refine_ls_restr.dev_ideal_target 
_refine_ls_restr.weight 
_refine_ls_restr.number 
_refine_ls_restr.pdbx_refine_id 
_refine_ls_restr.pdbx_restraint_function 
n_bond_d               ?     ?     ? ? 'X-RAY DIFFRACTION' ? 
n_angle_d              ?     ?     ? ? 'X-RAY DIFFRACTION' ? 
n_planar_d             ?     ?     ? ? 'X-RAY DIFFRACTION' ? 
n_hb_or_metal_coord    ?     ?     ? ? 'X-RAY DIFFRACTION' ? 
n_sugar_bond_it        0.530 2.000 ? ? 'X-RAY DIFFRACTION' ? 
n_sugar_angle_it       0.790 2.000 ? ? 'X-RAY DIFFRACTION' ? 
n_phos_bond_it         3.630 4.000 ? ? 'X-RAY DIFFRACTION' ? 
n_phos_angle_it        2.630 8.000 ? ? 'X-RAY DIFFRACTION' ? 
n_bond_angle_restr     ?     ?     ? ? 'X-RAY DIFFRACTION' ? 
n_dihedral_angle_restr ?     ?     ? ? 'X-RAY DIFFRACTION' ? 
n_impr_tor             ?     ?     ? ? 'X-RAY DIFFRACTION' ? 
n_sugar_bond_d         0.012 0.020 ? ? 'X-RAY DIFFRACTION' ? 
n_sugar_bond_angle_d   0.022 0.025 ? ? 'X-RAY DIFFRACTION' ? 
n_phos_bond_d          0.023 0.025 ? ? 'X-RAY DIFFRACTION' ? 
n_phos_bond_angle_d    0.024 0.025 ? ? 'X-RAY DIFFRACTION' ? 
n_plane_restr          0.012 0.020 ? ? 'X-RAY DIFFRACTION' ? 
n_chiral_restr         0.090 0.100 ? ? 'X-RAY DIFFRACTION' ? 
n_singtor_nbd          0.130 0.300 ? ? 'X-RAY DIFFRACTION' ? 
n_multtor_nbd          0.180 0.300 ? ? 'X-RAY DIFFRACTION' ? 
n_xhyhbond_nbd         ?     ?     ? ? 'X-RAY DIFFRACTION' ? 
# 
_struct.entry_id                  153D 
_struct.title                     
'CRYSTAL STRUCTURE OF A MISPAIRED DODECAMER, D(CGAGAATTC(O6ME)GCG)2, CONTAINING A CARCINOGENIC O6-METHYLGUANINE' 
_struct.pdbx_model_details        ? 
_struct.pdbx_CASP_flag            ? 
_struct.pdbx_model_type_details   ? 
# 
_struct_keywords.entry_id        153D 
_struct_keywords.pdbx_keywords   DNA 
_struct_keywords.text            'B-DNA, DOUBLE HELIX, MODIFIED, MISMATCHED, DNA' 
# 
loop_
_struct_asym.id 
_struct_asym.pdbx_blank_PDB_chainid_flag 
_struct_asym.pdbx_modified 
_struct_asym.entity_id 
_struct_asym.details 
A N N 1 ? 
B N N 1 ? 
C N N 2 ? 
D N N 2 ? 
# 
_struct_ref.id                         1 
_struct_ref.entity_id                  1 
_struct_ref.db_name                    PDB 
_struct_ref.db_code                    153D 
_struct_ref.pdbx_db_accession          153D 
_struct_ref.pdbx_db_isoform            ? 
_struct_ref.pdbx_seq_one_letter_code   ? 
_struct_ref.pdbx_align_begin           ? 
# 
loop_
_struct_ref_seq.align_id 
_struct_ref_seq.ref_id 
_struct_ref_seq.pdbx_PDB_id_code 
_struct_ref_seq.pdbx_strand_id 
_struct_ref_seq.seq_align_beg 
_struct_ref_seq.pdbx_seq_align_beg_ins_code 
_struct_ref_seq.seq_align_end 
_struct_ref_seq.pdbx_seq_align_end_ins_code 
_struct_ref_seq.pdbx_db_accession 
_struct_ref_seq.db_align_beg 
_struct_ref_seq.pdbx_db_align_beg_ins_code 
_struct_ref_seq.db_align_end 
_struct_ref_seq.pdbx_db_align_end_ins_code 
_struct_ref_seq.pdbx_auth_seq_align_beg 
_struct_ref_seq.pdbx_auth_seq_align_end 
1 1 153D A 1 ? 12 ? 153D 1  ? 12 ? 1  12 
2 1 153D B 1 ? 12 ? 153D 13 ? 24 ? 13 24 
# 
_pdbx_struct_assembly.id                   1 
_pdbx_struct_assembly.details              author_defined_assembly 
_pdbx_struct_assembly.method_details       ? 
_pdbx_struct_assembly.oligomeric_details   dimeric 
_pdbx_struct_assembly.oligomeric_count     2 
# 
_pdbx_struct_assembly_gen.assembly_id       1 
_pdbx_struct_assembly_gen.oper_expression   1 
_pdbx_struct_assembly_gen.asym_id_list      A,B,C,D 
# 
_pdbx_struct_oper_list.id                   1 
_pdbx_struct_oper_list.type                 'identity operation' 
_pdbx_struct_oper_list.name                 1_555 
_pdbx_struct_oper_list.symmetry_operation   x,y,z 
_pdbx_struct_oper_list.matrix[1][1]         1.0000000000 
_pdbx_struct_oper_list.matrix[1][2]         0.0000000000 
_pdbx_struct_oper_list.matrix[1][3]         0.0000000000 
_pdbx_struct_oper_list.vector[1]            0.0000000000 
_pdbx_struct_oper_list.matrix[2][1]         0.0000000000 
_pdbx_struct_oper_list.matrix[2][2]         1.0000000000 
_pdbx_struct_oper_list.matrix[2][3]         0.0000000000 
_pdbx_struct_oper_list.vector[2]            0.0000000000 
_pdbx_struct_oper_list.matrix[3][1]         0.0000000000 
_pdbx_struct_oper_list.matrix[3][2]         0.0000000000 
_pdbx_struct_oper_list.matrix[3][3]         1.0000000000 
_pdbx_struct_oper_list.vector[3]            0.0000000000 
# 
_struct_biol.id   1 
# 
loop_
_struct_conn.id 
_struct_conn.conn_type_id 
_struct_conn.pdbx_leaving_atom_flag 
_struct_conn.pdbx_PDB_id 
_struct_conn.ptnr1_label_asym_id 
_struct_conn.ptnr1_label_comp_id 
_struct_conn.ptnr1_label_seq_id 
_struct_conn.ptnr1_label_atom_id 
_struct_conn.pdbx_ptnr1_label_alt_id 
_struct_conn.pdbx_ptnr1_PDB_ins_code 
_struct_conn.pdbx_ptnr1_standard_comp_id 
_struct_conn.ptnr1_symmetry 
_struct_conn.ptnr2_label_asym_id 
_struct_conn.ptnr2_label_comp_id 
_struct_conn.ptnr2_label_seq_id 
_struct_conn.ptnr2_label_atom_id 
_struct_conn.pdbx_ptnr2_label_alt_id 
_struct_conn.pdbx_ptnr2_PDB_ins_code 
_struct_conn.ptnr1_auth_asym_id 
_struct_conn.ptnr1_auth_comp_id 
_struct_conn.ptnr1_auth_seq_id 
_struct_conn.ptnr2_auth_asym_id 
_struct_conn.ptnr2_auth_comp_id 
_struct_conn.ptnr2_auth_seq_id 
_struct_conn.ptnr2_symmetry 
_struct_conn.pdbx_ptnr3_label_atom_id 
_struct_conn.pdbx_ptnr3_label_seq_id 
_struct_conn.pdbx_ptnr3_label_comp_id 
_struct_conn.pdbx_ptnr3_label_asym_id 
_struct_conn.pdbx_ptnr3_label_alt_id 
_struct_conn.pdbx_ptnr3_PDB_ins_code 
_struct_conn.details 
_struct_conn.pdbx_dist_value 
_struct_conn.pdbx_value_order 
_struct_conn.pdbx_role 
covale1  covale both ? A DC  9  "O3'" ? ? ? 1_555 A 6OG 10 P  ? ? A DC  9  A 6OG 10 1_555 ? ? ? ? ? ? ?                1.589 ? ? 
covale2  covale one  ? A 6OG 10 "O3'" ? ? ? 1_555 A DC  11 P  ? ? A 6OG 10 A DC  11 1_555 ? ? ? ? ? ? ?                1.551 ? ? 
covale3  covale both ? B DC  9  "O3'" ? ? ? 1_555 B 6OG 10 P  ? ? B DC  21 B 6OG 22 1_555 ? ? ? ? ? ? ?                1.578 ? ? 
covale4  covale one  ? B 6OG 10 "O3'" ? ? ? 1_555 B DC  11 P  ? ? B 6OG 22 B DC  23 1_555 ? ? ? ? ? ? ?                1.601 ? ? 
hydrog1  hydrog ?    ? A DC  1  N3    ? ? ? 1_555 B DG  12 N1 ? ? A DC  1  B DG  24 1_555 ? ? ? ? ? ? WATSON-CRICK     ?     ? ? 
hydrog2  hydrog ?    ? A DC  1  N4    ? ? ? 1_555 B DG  12 O6 ? ? A DC  1  B DG  24 1_555 ? ? ? ? ? ? WATSON-CRICK     ?     ? ? 
hydrog3  hydrog ?    ? A DC  1  O2    ? ? ? 1_555 B DG  12 N2 ? ? A DC  1  B DG  24 1_555 ? ? ? ? ? ? WATSON-CRICK     ?     ? ? 
hydrog4  hydrog ?    ? A DG  2  N1    ? ? ? 1_555 B DC  11 N3 ? ? A DG  2  B DC  23 1_555 ? ? ? ? ? ? WATSON-CRICK     ?     ? ? 
hydrog5  hydrog ?    ? A DG  2  N2    ? ? ? 1_555 B DC  11 O2 ? ? A DG  2  B DC  23 1_555 ? ? ? ? ? ? WATSON-CRICK     ?     ? ? 
hydrog6  hydrog ?    ? A DG  2  O6    ? ? ? 1_555 B DC  11 N4 ? ? A DG  2  B DC  23 1_555 ? ? ? ? ? ? WATSON-CRICK     ?     ? ? 
hydrog7  hydrog ?    ? A DA  3  N7    ? ? ? 1_555 B 6OG 10 N2 ? ? A DA  3  B 6OG 22 1_555 ? ? ? ? ? ? 'DA-6OG MISPAIR' ?     ? ? 
hydrog8  hydrog ?    ? A DG  4  N1    ? ? ? 1_555 B DC  9  N3 ? ? A DG  4  B DC  21 1_555 ? ? ? ? ? ? WATSON-CRICK     ?     ? ? 
hydrog9  hydrog ?    ? A DG  4  N2    ? ? ? 1_555 B DC  9  O2 ? ? A DG  4  B DC  21 1_555 ? ? ? ? ? ? WATSON-CRICK     ?     ? ? 
hydrog10 hydrog ?    ? A DG  4  O6    ? ? ? 1_555 B DC  9  N4 ? ? A DG  4  B DC  21 1_555 ? ? ? ? ? ? WATSON-CRICK     ?     ? ? 
hydrog11 hydrog ?    ? A DA  5  N1    ? ? ? 1_555 B DT  8  N3 ? ? A DA  5  B DT  20 1_555 ? ? ? ? ? ? WATSON-CRICK     ?     ? ? 
hydrog12 hydrog ?    ? A DA  5  N6    ? ? ? 1_555 B DT  8  O4 ? ? A DA  5  B DT  20 1_555 ? ? ? ? ? ? WATSON-CRICK     ?     ? ? 
hydrog13 hydrog ?    ? A DA  6  N1    ? ? ? 1_555 B DT  7  N3 ? ? A DA  6  B DT  19 1_555 ? ? ? ? ? ? WATSON-CRICK     ?     ? ? 
hydrog14 hydrog ?    ? A DA  6  N6    ? ? ? 1_555 B DT  7  O4 ? ? A DA  6  B DT  19 1_555 ? ? ? ? ? ? WATSON-CRICK     ?     ? ? 
hydrog15 hydrog ?    ? A DT  7  N3    ? ? ? 1_555 B DA  6  N1 ? ? A DT  7  B DA  18 1_555 ? ? ? ? ? ? WATSON-CRICK     ?     ? ? 
hydrog16 hydrog ?    ? A DT  7  O4    ? ? ? 1_555 B DA  6  N6 ? ? A DT  7  B DA  18 1_555 ? ? ? ? ? ? WATSON-CRICK     ?     ? ? 
hydrog17 hydrog ?    ? A DT  8  N3    ? ? ? 1_555 B DA  5  N1 ? ? A DT  8  B DA  17 1_555 ? ? ? ? ? ? WATSON-CRICK     ?     ? ? 
hydrog18 hydrog ?    ? A DT  8  O4    ? ? ? 1_555 B DA  5  N6 ? ? A DT  8  B DA  17 1_555 ? ? ? ? ? ? WATSON-CRICK     ?     ? ? 
hydrog19 hydrog ?    ? A DC  9  N3    ? ? ? 1_555 B DG  4  N1 ? ? A DC  9  B DG  16 1_555 ? ? ? ? ? ? WATSON-CRICK     ?     ? ? 
hydrog20 hydrog ?    ? A DC  9  N4    ? ? ? 1_555 B DG  4  O6 ? ? A DC  9  B DG  16 1_555 ? ? ? ? ? ? WATSON-CRICK     ?     ? ? 
hydrog21 hydrog ?    ? A DC  9  O2    ? ? ? 1_555 B DG  4  N2 ? ? A DC  9  B DG  16 1_555 ? ? ? ? ? ? WATSON-CRICK     ?     ? ? 
hydrog22 hydrog ?    ? A 6OG 10 N2    ? ? ? 1_555 B DA  3  N7 ? ? A 6OG 10 B DA  15 1_555 ? ? ? ? ? ? '6OG-DA MISPAIR' ?     ? ? 
hydrog23 hydrog ?    ? A DC  11 N3    ? ? ? 1_555 B DG  2  N1 ? ? A DC  11 B DG  14 1_555 ? ? ? ? ? ? WATSON-CRICK     ?     ? ? 
hydrog24 hydrog ?    ? A DC  11 N4    ? ? ? 1_555 B DG  2  O6 ? ? A DC  11 B DG  14 1_555 ? ? ? ? ? ? WATSON-CRICK     ?     ? ? 
hydrog25 hydrog ?    ? A DC  11 O2    ? ? ? 1_555 B DG  2  N2 ? ? A DC  11 B DG  14 1_555 ? ? ? ? ? ? WATSON-CRICK     ?     ? ? 
hydrog26 hydrog ?    ? A DG  12 N1    ? ? ? 1_555 B DC  1  N3 ? ? A DG  12 B DC  13 1_555 ? ? ? ? ? ? WATSON-CRICK     ?     ? ? 
hydrog27 hydrog ?    ? A DG  12 N2    ? ? ? 1_555 B DC  1  O2 ? ? A DG  12 B DC  13 1_555 ? ? ? ? ? ? WATSON-CRICK     ?     ? ? 
hydrog28 hydrog ?    ? A DG  12 O6    ? ? ? 1_555 B DC  1  N4 ? ? A DG  12 B DC  13 1_555 ? ? ? ? ? ? WATSON-CRICK     ?     ? ? 
# 
loop_
_struct_conn_type.id 
_struct_conn_type.criteria 
_struct_conn_type.reference 
covale ? ? 
hydrog ? ? 
# 
_pdbx_validate_rmsd_bond.id                        1 
_pdbx_validate_rmsd_bond.PDB_model_num             1 
_pdbx_validate_rmsd_bond.auth_atom_id_1            "O3'" 
_pdbx_validate_rmsd_bond.auth_asym_id_1            B 
_pdbx_validate_rmsd_bond.auth_comp_id_1            DC 
_pdbx_validate_rmsd_bond.auth_seq_id_1             13 
_pdbx_validate_rmsd_bond.PDB_ins_code_1            ? 
_pdbx_validate_rmsd_bond.label_alt_id_1            ? 
_pdbx_validate_rmsd_bond.auth_atom_id_2            P 
_pdbx_validate_rmsd_bond.auth_asym_id_2            B 
_pdbx_validate_rmsd_bond.auth_comp_id_2            DG 
_pdbx_validate_rmsd_bond.auth_seq_id_2             14 
_pdbx_validate_rmsd_bond.PDB_ins_code_2            ? 
_pdbx_validate_rmsd_bond.label_alt_id_2            ? 
_pdbx_validate_rmsd_bond.bond_value                1.521 
_pdbx_validate_rmsd_bond.bond_target_value         1.607 
_pdbx_validate_rmsd_bond.bond_deviation            -0.086 
_pdbx_validate_rmsd_bond.bond_standard_deviation   0.012 
_pdbx_validate_rmsd_bond.linker_flag               Y 
# 
loop_
_pdbx_validate_rmsd_angle.id 
_pdbx_validate_rmsd_angle.PDB_model_num 
_pdbx_validate_rmsd_angle.auth_atom_id_1 
_pdbx_validate_rmsd_angle.auth_asym_id_1 
_pdbx_validate_rmsd_angle.auth_comp_id_1 
_pdbx_validate_rmsd_angle.auth_seq_id_1 
_pdbx_validate_rmsd_angle.PDB_ins_code_1 
_pdbx_validate_rmsd_angle.label_alt_id_1 
_pdbx_validate_rmsd_angle.auth_atom_id_2 
_pdbx_validate_rmsd_angle.auth_asym_id_2 
_pdbx_validate_rmsd_angle.auth_comp_id_2 
_pdbx_validate_rmsd_angle.auth_seq_id_2 
_pdbx_validate_rmsd_angle.PDB_ins_code_2 
_pdbx_validate_rmsd_angle.label_alt_id_2 
_pdbx_validate_rmsd_angle.auth_atom_id_3 
_pdbx_validate_rmsd_angle.auth_asym_id_3 
_pdbx_validate_rmsd_angle.auth_comp_id_3 
_pdbx_validate_rmsd_angle.auth_seq_id_3 
_pdbx_validate_rmsd_angle.PDB_ins_code_3 
_pdbx_validate_rmsd_angle.label_alt_id_3 
_pdbx_validate_rmsd_angle.angle_value 
_pdbx_validate_rmsd_angle.angle_target_value 
_pdbx_validate_rmsd_angle.angle_deviation 
_pdbx_validate_rmsd_angle.angle_standard_deviation 
_pdbx_validate_rmsd_angle.linker_flag 
1  1 "O5'" A DC  1  ? ? "C5'" A DC  1  ? ? "C4'" A DC 1  ? ? 101.49 109.40 -7.91  0.80 N 
2  1 "C4'" A DC  1  ? ? "C3'" A DC  1  ? ? "C2'" A DC 1  ? ? 97.65  102.20 -4.55  0.70 N 
3  1 "C3'" A DC  1  ? ? "C2'" A DC  1  ? ? "C1'" A DC 1  ? ? 95.55  102.40 -6.85  0.80 N 
4  1 "O4'" A DC  1  ? ? "C1'" A DC  1  ? ? N1    A DC 1  ? ? 113.49 108.30 5.19   0.30 N 
5  1 "C1'" A DG  2  ? ? "O4'" A DG  2  ? ? "C4'" A DG 2  ? ? 100.97 110.10 -9.13  1.00 N 
6  1 "O4'" A DG  2  ? ? "C1'" A DG  2  ? ? N9    A DG 2  ? ? 111.32 108.30 3.02   0.30 N 
7  1 C5    A DG  2  ? ? C6    A DG  2  ? ? N1    A DG 2  ? ? 114.75 111.50 3.25   0.50 N 
8  1 "O4'" A DA  3  ? ? "C1'" A DA  3  ? ? "C2'" A DA 3  ? ? 100.48 105.90 -5.42  0.80 N 
9  1 C6    A DA  3  ? ? N1    A DA  3  ? ? C2    A DA 3  ? ? 122.24 118.60 3.64   0.60 N 
10 1 N1    A DA  3  ? ? C2    A DA  3  ? ? N3    A DA 3  ? ? 126.14 129.30 -3.16  0.50 N 
11 1 "O5'" A DG  4  ? ? P     A DG  4  ? ? OP1   A DG 4  ? ? 117.94 110.70 7.24   1.20 N 
12 1 "O4'" A DG  4  ? ? "C1'" A DG  4  ? ? N9    A DG 4  ? ? 110.48 108.30 2.18   0.30 N 
13 1 C5    A DG  4  ? ? C6    A DG  4  ? ? N1    A DG 4  ? ? 114.55 111.50 3.05   0.50 N 
14 1 N1    A DA  5  ? ? C2    A DA  5  ? ? N3    A DA 5  ? ? 126.20 129.30 -3.10  0.50 N 
15 1 "O5'" A DA  6  ? ? "C5'" A DA  6  ? ? "C4'" A DA 6  ? ? 104.39 109.40 -5.01  0.80 N 
16 1 "C3'" A DA  6  ? ? "O3'" A DA  6  ? ? P     A DT 7  ? ? 130.18 119.70 10.48  1.20 Y 
17 1 "O5'" A DT  7  ? ? "C5'" A DT  7  ? ? "C4'" A DT 7  ? ? 104.37 109.40 -5.03  0.80 N 
18 1 C2    A DT  7  ? ? N3    A DT  7  ? ? C4    A DT 7  ? ? 122.10 127.20 -5.10  0.60 N 
19 1 N3    A DT  7  ? ? C4    A DT  7  ? ? C5    A DT 7  ? ? 119.52 115.20 4.32   0.60 N 
20 1 "C3'" A DT  7  ? ? "O3'" A DT  7  ? ? P     A DT 8  ? ? 127.91 119.70 8.21   1.20 Y 
21 1 "O4'" A DT  8  ? ? "C1'" A DT  8  ? ? N1    A DT 8  ? ? 110.41 108.30 2.11   0.30 N 
22 1 C2    A DT  8  ? ? N3    A DT  8  ? ? C4    A DT 8  ? ? 122.86 127.20 -4.34  0.60 N 
23 1 "C3'" A DT  8  ? ? "O3'" A DT  8  ? ? P     A DC 9  ? ? 128.26 119.70 8.56   1.20 Y 
24 1 N3    A DC  9  ? ? C4    A DC  9  ? ? C5    A DC 9  ? ? 119.16 121.90 -2.74  0.40 N 
25 1 "C3'" A 6OG 10 ? ? "O3'" A 6OG 10 ? ? P     A DC 11 ? ? 141.30 119.70 21.60  1.20 Y 
26 1 P     A DC  11 ? ? "O5'" A DC  11 ? ? "C5'" A DC 11 ? ? 107.30 120.90 -13.60 1.60 N 
27 1 "O4'" A DG  12 ? ? "C1'" A DG  12 ? ? N9    A DG 12 ? ? 111.65 108.30 3.35   0.30 N 
28 1 "C4'" B DC  13 ? ? "C3'" B DC  13 ? ? "C2'" B DC 13 ? ? 97.98  102.20 -4.22  0.70 N 
29 1 "O4'" B DC  13 ? ? "C1'" B DC  13 ? ? N1    B DC 13 ? ? 111.66 108.30 3.36   0.30 N 
30 1 "C3'" B DC  13 ? ? "O3'" B DC  13 ? ? P     B DG 14 ? ? 145.70 119.70 26.00  1.20 Y 
31 1 OP1   B DG  14 ? ? P     B DG  14 ? ? OP2   B DG 14 ? ? 110.04 119.60 -9.56  1.50 N 
32 1 P     B DG  14 ? ? "O5'" B DG  14 ? ? "C5'" B DG 14 ? ? 111.25 120.90 -9.65  1.60 N 
33 1 "O5'" B DA  15 ? ? "C5'" B DA  15 ? ? "C4'" B DA 15 ? ? 100.56 109.40 -8.84  0.80 N 
34 1 "O4'" B DA  15 ? ? "C1'" B DA  15 ? ? N9    B DA 15 ? ? 112.46 108.30 4.16   0.30 N 
35 1 C5    B DA  15 ? ? C6    B DA  15 ? ? N1    B DA 15 ? ? 114.46 117.70 -3.24  0.50 N 
36 1 "C3'" B DA  15 ? ? "O3'" B DA  15 ? ? P     B DG 16 ? ? 127.70 119.70 8.00   1.20 Y 
37 1 "C1'" B DG  16 ? ? "O4'" B DG  16 ? ? "C4'" B DG 16 ? ? 103.81 110.10 -6.29  1.00 N 
38 1 "O4'" B DG  16 ? ? "C1'" B DG  16 ? ? N9    B DG 16 ? ? 112.37 108.30 4.07   0.30 N 
39 1 C5    B DG  16 ? ? C6    B DG  16 ? ? N1    B DG 16 ? ? 114.61 111.50 3.11   0.50 N 
40 1 "O5'" B DA  17 ? ? "C5'" B DA  17 ? ? "C4'" B DA 17 ? ? 104.30 109.40 -5.10  0.80 N 
41 1 N1    B DA  17 ? ? C2    B DA  17 ? ? N3    B DA 17 ? ? 125.76 129.30 -3.54  0.50 N 
42 1 OP1   B DA  18 ? ? P     B DA  18 ? ? OP2   B DA 18 ? ? 110.09 119.60 -9.51  1.50 N 
43 1 "O5'" B DA  18 ? ? P     B DA  18 ? ? OP2   B DA 18 ? ? 118.55 110.70 7.85   1.20 N 
44 1 C5    B DA  18 ? ? C6    B DA  18 ? ? N1    B DA 18 ? ? 114.60 117.70 -3.10  0.50 N 
45 1 "O5'" B DT  19 ? ? "C5'" B DT  19 ? ? "C4'" B DT 19 ? ? 103.59 109.40 -5.81  0.80 N 
46 1 C2    B DT  19 ? ? N3    B DT  19 ? ? C4    B DT 19 ? ? 122.11 127.20 -5.09  0.60 N 
47 1 N3    B DT  19 ? ? C4    B DT  19 ? ? C5    B DT 19 ? ? 119.28 115.20 4.08   0.60 N 
48 1 "O4'" B DT  20 ? ? "C1'" B DT  20 ? ? N1    B DT 20 ? ? 111.65 108.30 3.35   0.30 N 
49 1 C2    B DT  20 ? ? N3    B DT  20 ? ? C4    B DT 20 ? ? 122.49 127.20 -4.71  0.60 N 
50 1 N3    B DT  20 ? ? C4    B DT  20 ? ? C5    B DT 20 ? ? 119.68 115.20 4.48   0.60 N 
51 1 "O5'" B DC  21 ? ? "C5'" B DC  21 ? ? "C4'" B DC 21 ? ? 101.31 109.40 -8.09  0.80 N 
52 1 "O4'" B DC  23 ? ? "C1'" B DC  23 ? ? N1    B DC 23 ? ? 112.87 108.30 4.57   0.30 N 
53 1 "O5'" B DG  24 ? ? "C5'" B DG  24 ? ? "C4'" B DG 24 ? ? 104.29 109.40 -5.11  0.80 N 
54 1 "O4'" B DG  24 ? ? "C1'" B DG  24 ? ? N9    B DG 24 ? ? 115.73 108.30 7.43   0.30 N 
55 1 C5    B DG  24 ? ? C6    B DG  24 ? ? N1    B DG 24 ? ? 114.66 111.50 3.16   0.50 N 
# 
loop_
_pdbx_struct_mod_residue.id 
_pdbx_struct_mod_residue.label_asym_id 
_pdbx_struct_mod_residue.label_comp_id 
_pdbx_struct_mod_residue.label_seq_id 
_pdbx_struct_mod_residue.auth_asym_id 
_pdbx_struct_mod_residue.auth_comp_id 
_pdbx_struct_mod_residue.auth_seq_id 
_pdbx_struct_mod_residue.PDB_ins_code 
_pdbx_struct_mod_residue.parent_comp_id 
_pdbx_struct_mod_residue.details 
1 A 6OG 10 A 6OG 10 ? DG 
;6-O-METHYL GUANOSINE-5'-MONOPHOSPHATE
;
2 B 6OG 10 B 6OG 22 ? DG 
;6-O-METHYL GUANOSINE-5'-MONOPHOSPHATE
;
# 
loop_
_refine_B_iso.class 
_refine_B_iso.details 
_refine_B_iso.treatment 
_refine_B_iso.pdbx_refine_id 
'ALL ATOMS'  TR isotropic 'X-RAY DIFFRACTION' 
'ALL WATERS' TR isotropic 'X-RAY DIFFRACTION' 
# 
loop_
_refine_occupancy.class 
_refine_occupancy.treatment 
_refine_occupancy.pdbx_refine_id 
'ALL ATOMS'  fix 'X-RAY DIFFRACTION' 
'ALL WATERS' fix 'X-RAY DIFFRACTION' 
# 
loop_
_chem_comp_atom.comp_id 
_chem_comp_atom.atom_id 
_chem_comp_atom.type_symbol 
_chem_comp_atom.pdbx_aromatic_flag 
_chem_comp_atom.pdbx_stereo_config 
_chem_comp_atom.pdbx_ordinal 
6OG P      P N N 1   
6OG OP1    O N N 2   
6OG OP2    O N N 3   
6OG "O5'"  O N N 4   
6OG N9     N Y N 5   
6OG C4     C Y N 6   
6OG N3     N Y N 7   
6OG C2     C Y N 8   
6OG N2     N N N 9   
6OG N1     N Y N 10  
6OG C6     C Y N 11  
6OG O6     O N N 12  
6OG C5     C Y N 13  
6OG N7     N Y N 14  
6OG C8     C Y N 15  
6OG "C2'"  C N N 16  
6OG "C5'"  C N N 17  
6OG "C4'"  C N R 18  
6OG "O4'"  O N N 19  
6OG "C1'"  C N R 20  
6OG "C3'"  C N S 21  
6OG "O3'"  O N N 22  
6OG C      C N N 23  
6OG HOP2   H N N 24  
6OG HN21   H N N 25  
6OG HN22   H N N 26  
6OG H8     H N N 27  
6OG "H2'"  H N N 28  
6OG "H2''" H N N 29  
6OG "H5'"  H N N 30  
6OG "H5''" H N N 31  
6OG "H4'"  H N N 32  
6OG "H1'"  H N N 33  
6OG "H3'"  H N N 34  
6OG "HO3'" H N N 35  
6OG H1     H N N 36  
6OG H2     H N N 37  
6OG H3     H N N 38  
6OG OP3    O N N 39  
6OG HOP3   H N N 40  
DA  OP3    O N N 41  
DA  P      P N N 42  
DA  OP1    O N N 43  
DA  OP2    O N N 44  
DA  "O5'"  O N N 45  
DA  "C5'"  C N N 46  
DA  "C4'"  C N R 47  
DA  "O4'"  O N N 48  
DA  "C3'"  C N S 49  
DA  "O3'"  O N N 50  
DA  "C2'"  C N N 51  
DA  "C1'"  C N R 52  
DA  N9     N Y N 53  
DA  C8     C Y N 54  
DA  N7     N Y N 55  
DA  C5     C Y N 56  
DA  C6     C Y N 57  
DA  N6     N N N 58  
DA  N1     N Y N 59  
DA  C2     C Y N 60  
DA  N3     N Y N 61  
DA  C4     C Y N 62  
DA  HOP3   H N N 63  
DA  HOP2   H N N 64  
DA  "H5'"  H N N 65  
DA  "H5''" H N N 66  
DA  "H4'"  H N N 67  
DA  "H3'"  H N N 68  
DA  "HO3'" H N N 69  
DA  "H2'"  H N N 70  
DA  "H2''" H N N 71  
DA  "H1'"  H N N 72  
DA  H8     H N N 73  
DA  H61    H N N 74  
DA  H62    H N N 75  
DA  H2     H N N 76  
DC  OP3    O N N 77  
DC  P      P N N 78  
DC  OP1    O N N 79  
DC  OP2    O N N 80  
DC  "O5'"  O N N 81  
DC  "C5'"  C N N 82  
DC  "C4'"  C N R 83  
DC  "O4'"  O N N 84  
DC  "C3'"  C N S 85  
DC  "O3'"  O N N 86  
DC  "C2'"  C N N 87  
DC  "C1'"  C N R 88  
DC  N1     N N N 89  
DC  C2     C N N 90  
DC  O2     O N N 91  
DC  N3     N N N 92  
DC  C4     C N N 93  
DC  N4     N N N 94  
DC  C5     C N N 95  
DC  C6     C N N 96  
DC  HOP3   H N N 97  
DC  HOP2   H N N 98  
DC  "H5'"  H N N 99  
DC  "H5''" H N N 100 
DC  "H4'"  H N N 101 
DC  "H3'"  H N N 102 
DC  "HO3'" H N N 103 
DC  "H2'"  H N N 104 
DC  "H2''" H N N 105 
DC  "H1'"  H N N 106 
DC  H41    H N N 107 
DC  H42    H N N 108 
DC  H5     H N N 109 
DC  H6     H N N 110 
DG  OP3    O N N 111 
DG  P      P N N 112 
DG  OP1    O N N 113 
DG  OP2    O N N 114 
DG  "O5'"  O N N 115 
DG  "C5'"  C N N 116 
DG  "C4'"  C N R 117 
DG  "O4'"  O N N 118 
DG  "C3'"  C N S 119 
DG  "O3'"  O N N 120 
DG  "C2'"  C N N 121 
DG  "C1'"  C N R 122 
DG  N9     N Y N 123 
DG  C8     C Y N 124 
DG  N7     N Y N 125 
DG  C5     C Y N 126 
DG  C6     C N N 127 
DG  O6     O N N 128 
DG  N1     N N N 129 
DG  C2     C N N 130 
DG  N2     N N N 131 
DG  N3     N N N 132 
DG  C4     C Y N 133 
DG  HOP3   H N N 134 
DG  HOP2   H N N 135 
DG  "H5'"  H N N 136 
DG  "H5''" H N N 137 
DG  "H4'"  H N N 138 
DG  "H3'"  H N N 139 
DG  "HO3'" H N N 140 
DG  "H2'"  H N N 141 
DG  "H2''" H N N 142 
DG  "H1'"  H N N 143 
DG  H8     H N N 144 
DG  H1     H N N 145 
DG  H21    H N N 146 
DG  H22    H N N 147 
DT  OP3    O N N 148 
DT  P      P N N 149 
DT  OP1    O N N 150 
DT  OP2    O N N 151 
DT  "O5'"  O N N 152 
DT  "C5'"  C N N 153 
DT  "C4'"  C N R 154 
DT  "O4'"  O N N 155 
DT  "C3'"  C N S 156 
DT  "O3'"  O N N 157 
DT  "C2'"  C N N 158 
DT  "C1'"  C N R 159 
DT  N1     N N N 160 
DT  C2     C N N 161 
DT  O2     O N N 162 
DT  N3     N N N 163 
DT  C4     C N N 164 
DT  O4     O N N 165 
DT  C5     C N N 166 
DT  C7     C N N 167 
DT  C6     C N N 168 
DT  HOP3   H N N 169 
DT  HOP2   H N N 170 
DT  "H5'"  H N N 171 
DT  "H5''" H N N 172 
DT  "H4'"  H N N 173 
DT  "H3'"  H N N 174 
DT  "HO3'" H N N 175 
DT  "H2'"  H N N 176 
DT  "H2''" H N N 177 
DT  "H1'"  H N N 178 
DT  H3     H N N 179 
DT  H71    H N N 180 
DT  H72    H N N 181 
DT  H73    H N N 182 
DT  H6     H N N 183 
HOH O      O N N 184 
HOH H1     H N N 185 
HOH H2     H N N 186 
# 
loop_
_chem_comp_bond.comp_id 
_chem_comp_bond.atom_id_1 
_chem_comp_bond.atom_id_2 
_chem_comp_bond.value_order 
_chem_comp_bond.pdbx_aromatic_flag 
_chem_comp_bond.pdbx_stereo_config 
_chem_comp_bond.pdbx_ordinal 
6OG P     OP1    doub N N 1   
6OG P     OP2    sing N N 2   
6OG P     "O5'"  sing N N 3   
6OG OP2   HOP2   sing N N 4   
6OG "O5'" "C5'"  sing N N 5   
6OG N9    C4     sing Y N 6   
6OG N9    C8     sing Y N 7   
6OG N9    "C1'"  sing N N 8   
6OG C4    N3     sing Y N 9   
6OG C4    C5     doub Y N 10  
6OG N3    C2     doub Y N 11  
6OG C2    N2     sing N N 12  
6OG C2    N1     sing Y N 13  
6OG N2    HN21   sing N N 14  
6OG N2    HN22   sing N N 15  
6OG N1    C6     doub Y N 16  
6OG C6    O6     sing N N 17  
6OG C6    C5     sing Y N 18  
6OG O6    C      sing N N 19  
6OG C5    N7     sing Y N 20  
6OG N7    C8     doub Y N 21  
6OG C8    H8     sing N N 22  
6OG "C2'" "C1'"  sing N N 23  
6OG "C2'" "C3'"  sing N N 24  
6OG "C2'" "H2'"  sing N N 25  
6OG "C2'" "H2''" sing N N 26  
6OG "C5'" "C4'"  sing N N 27  
6OG "C5'" "H5'"  sing N N 28  
6OG "C5'" "H5''" sing N N 29  
6OG "C4'" "O4'"  sing N N 30  
6OG "C4'" "C3'"  sing N N 31  
6OG "C4'" "H4'"  sing N N 32  
6OG "O4'" "C1'"  sing N N 33  
6OG "C1'" "H1'"  sing N N 34  
6OG "C3'" "O3'"  sing N N 35  
6OG "C3'" "H3'"  sing N N 36  
6OG "O3'" "HO3'" sing N N 37  
6OG C     H1     sing N N 38  
6OG C     H2     sing N N 39  
6OG C     H3     sing N N 40  
6OG P     OP3    sing N N 41  
6OG OP3   HOP3   sing N N 42  
DA  OP3   P      sing N N 43  
DA  OP3   HOP3   sing N N 44  
DA  P     OP1    doub N N 45  
DA  P     OP2    sing N N 46  
DA  P     "O5'"  sing N N 47  
DA  OP2   HOP2   sing N N 48  
DA  "O5'" "C5'"  sing N N 49  
DA  "C5'" "C4'"  sing N N 50  
DA  "C5'" "H5'"  sing N N 51  
DA  "C5'" "H5''" sing N N 52  
DA  "C4'" "O4'"  sing N N 53  
DA  "C4'" "C3'"  sing N N 54  
DA  "C4'" "H4'"  sing N N 55  
DA  "O4'" "C1'"  sing N N 56  
DA  "C3'" "O3'"  sing N N 57  
DA  "C3'" "C2'"  sing N N 58  
DA  "C3'" "H3'"  sing N N 59  
DA  "O3'" "HO3'" sing N N 60  
DA  "C2'" "C1'"  sing N N 61  
DA  "C2'" "H2'"  sing N N 62  
DA  "C2'" "H2''" sing N N 63  
DA  "C1'" N9     sing N N 64  
DA  "C1'" "H1'"  sing N N 65  
DA  N9    C8     sing Y N 66  
DA  N9    C4     sing Y N 67  
DA  C8    N7     doub Y N 68  
DA  C8    H8     sing N N 69  
DA  N7    C5     sing Y N 70  
DA  C5    C6     sing Y N 71  
DA  C5    C4     doub Y N 72  
DA  C6    N6     sing N N 73  
DA  C6    N1     doub Y N 74  
DA  N6    H61    sing N N 75  
DA  N6    H62    sing N N 76  
DA  N1    C2     sing Y N 77  
DA  C2    N3     doub Y N 78  
DA  C2    H2     sing N N 79  
DA  N3    C4     sing Y N 80  
DC  OP3   P      sing N N 81  
DC  OP3   HOP3   sing N N 82  
DC  P     OP1    doub N N 83  
DC  P     OP2    sing N N 84  
DC  P     "O5'"  sing N N 85  
DC  OP2   HOP2   sing N N 86  
DC  "O5'" "C5'"  sing N N 87  
DC  "C5'" "C4'"  sing N N 88  
DC  "C5'" "H5'"  sing N N 89  
DC  "C5'" "H5''" sing N N 90  
DC  "C4'" "O4'"  sing N N 91  
DC  "C4'" "C3'"  sing N N 92  
DC  "C4'" "H4'"  sing N N 93  
DC  "O4'" "C1'"  sing N N 94  
DC  "C3'" "O3'"  sing N N 95  
DC  "C3'" "C2'"  sing N N 96  
DC  "C3'" "H3'"  sing N N 97  
DC  "O3'" "HO3'" sing N N 98  
DC  "C2'" "C1'"  sing N N 99  
DC  "C2'" "H2'"  sing N N 100 
DC  "C2'" "H2''" sing N N 101 
DC  "C1'" N1     sing N N 102 
DC  "C1'" "H1'"  sing N N 103 
DC  N1    C2     sing N N 104 
DC  N1    C6     sing N N 105 
DC  C2    O2     doub N N 106 
DC  C2    N3     sing N N 107 
DC  N3    C4     doub N N 108 
DC  C4    N4     sing N N 109 
DC  C4    C5     sing N N 110 
DC  N4    H41    sing N N 111 
DC  N4    H42    sing N N 112 
DC  C5    C6     doub N N 113 
DC  C5    H5     sing N N 114 
DC  C6    H6     sing N N 115 
DG  OP3   P      sing N N 116 
DG  OP3   HOP3   sing N N 117 
DG  P     OP1    doub N N 118 
DG  P     OP2    sing N N 119 
DG  P     "O5'"  sing N N 120 
DG  OP2   HOP2   sing N N 121 
DG  "O5'" "C5'"  sing N N 122 
DG  "C5'" "C4'"  sing N N 123 
DG  "C5'" "H5'"  sing N N 124 
DG  "C5'" "H5''" sing N N 125 
DG  "C4'" "O4'"  sing N N 126 
DG  "C4'" "C3'"  sing N N 127 
DG  "C4'" "H4'"  sing N N 128 
DG  "O4'" "C1'"  sing N N 129 
DG  "C3'" "O3'"  sing N N 130 
DG  "C3'" "C2'"  sing N N 131 
DG  "C3'" "H3'"  sing N N 132 
DG  "O3'" "HO3'" sing N N 133 
DG  "C2'" "C1'"  sing N N 134 
DG  "C2'" "H2'"  sing N N 135 
DG  "C2'" "H2''" sing N N 136 
DG  "C1'" N9     sing N N 137 
DG  "C1'" "H1'"  sing N N 138 
DG  N9    C8     sing Y N 139 
DG  N9    C4     sing Y N 140 
DG  C8    N7     doub Y N 141 
DG  C8    H8     sing N N 142 
DG  N7    C5     sing Y N 143 
DG  C5    C6     sing N N 144 
DG  C5    C4     doub Y N 145 
DG  C6    O6     doub N N 146 
DG  C6    N1     sing N N 147 
DG  N1    C2     sing N N 148 
DG  N1    H1     sing N N 149 
DG  C2    N2     sing N N 150 
DG  C2    N3     doub N N 151 
DG  N2    H21    sing N N 152 
DG  N2    H22    sing N N 153 
DG  N3    C4     sing N N 154 
DT  OP3   P      sing N N 155 
DT  OP3   HOP3   sing N N 156 
DT  P     OP1    doub N N 157 
DT  P     OP2    sing N N 158 
DT  P     "O5'"  sing N N 159 
DT  OP2   HOP2   sing N N 160 
DT  "O5'" "C5'"  sing N N 161 
DT  "C5'" "C4'"  sing N N 162 
DT  "C5'" "H5'"  sing N N 163 
DT  "C5'" "H5''" sing N N 164 
DT  "C4'" "O4'"  sing N N 165 
DT  "C4'" "C3'"  sing N N 166 
DT  "C4'" "H4'"  sing N N 167 
DT  "O4'" "C1'"  sing N N 168 
DT  "C3'" "O3'"  sing N N 169 
DT  "C3'" "C2'"  sing N N 170 
DT  "C3'" "H3'"  sing N N 171 
DT  "O3'" "HO3'" sing N N 172 
DT  "C2'" "C1'"  sing N N 173 
DT  "C2'" "H2'"  sing N N 174 
DT  "C2'" "H2''" sing N N 175 
DT  "C1'" N1     sing N N 176 
DT  "C1'" "H1'"  sing N N 177 
DT  N1    C2     sing N N 178 
DT  N1    C6     sing N N 179 
DT  C2    O2     doub N N 180 
DT  C2    N3     sing N N 181 
DT  N3    C4     sing N N 182 
DT  N3    H3     sing N N 183 
DT  C4    O4     doub N N 184 
DT  C4    C5     sing N N 185 
DT  C5    C7     sing N N 186 
DT  C5    C6     doub N N 187 
DT  C7    H71    sing N N 188 
DT  C7    H72    sing N N 189 
DT  C7    H73    sing N N 190 
DT  C6    H6     sing N N 191 
HOH O     H1     sing N N 192 
HOH O     H2     sing N N 193 
# 
loop_
_ndb_struct_conf_na.entry_id 
_ndb_struct_conf_na.feature 
153D 'double helix'         
153D 'b-form double helix'  
153D 'mismatched base pair' 
# 
loop_
_ndb_struct_na_base_pair.model_number 
_ndb_struct_na_base_pair.i_label_asym_id 
_ndb_struct_na_base_pair.i_label_comp_id 
_ndb_struct_na_base_pair.i_label_seq_id 
_ndb_struct_na_base_pair.i_symmetry 
_ndb_struct_na_base_pair.j_label_asym_id 
_ndb_struct_na_base_pair.j_label_comp_id 
_ndb_struct_na_base_pair.j_label_seq_id 
_ndb_struct_na_base_pair.j_symmetry 
_ndb_struct_na_base_pair.shear 
_ndb_struct_na_base_pair.stretch 
_ndb_struct_na_base_pair.stagger 
_ndb_struct_na_base_pair.buckle 
_ndb_struct_na_base_pair.propeller 
_ndb_struct_na_base_pair.opening 
_ndb_struct_na_base_pair.pair_number 
_ndb_struct_na_base_pair.pair_name 
_ndb_struct_na_base_pair.i_auth_asym_id 
_ndb_struct_na_base_pair.i_auth_seq_id 
_ndb_struct_na_base_pair.i_PDB_ins_code 
_ndb_struct_na_base_pair.j_auth_asym_id 
_ndb_struct_na_base_pair.j_auth_seq_id 
_ndb_struct_na_base_pair.j_PDB_ins_code 
_ndb_struct_na_base_pair.hbond_type_28 
_ndb_struct_na_base_pair.hbond_type_12 
1 A DC  1  1_555 B DG  12 1_555 -0.436 -0.121 -0.041 10.044  -3.031  -0.435  1  A_DC1:DG24_B   A 1  ? B 24 ? 19 1 
1 A DG  2  1_555 B DC  11 1_555 -0.601 -0.542 0.211  -0.233  -8.791  -2.324  2  A_DG2:DC23_B   A 2  ? B 23 ? 19 1 
1 A DA  3  1_555 B 6OG 10 1_555 -2.639 -2.973 -0.523 8.504   0.936   78.360  3  A_DA3:6OG22_B  A 3  ? B 22 ? ?  ? 
1 A DG  4  1_555 B DC  9  1_555 -0.058 -0.295 0.372  12.398  -12.455 1.342   4  A_DG4:DC21_B   A 4  ? B 21 ? 19 1 
1 A DA  5  1_555 B DT  8  1_555 0.365  -0.135 0.313  4.498   -11.522 1.100   5  A_DA5:DT20_B   A 5  ? B 20 ? 20 1 
1 A DA  6  1_555 B DT  7  1_555 0.114  -0.239 0.422  4.844   -17.320 -4.365  6  A_DA6:DT19_B   A 6  ? B 19 ? 20 1 
1 A DT  7  1_555 B DA  6  1_555 -0.005 -0.147 0.640  -2.121  -14.344 5.933   7  A_DT7:DA18_B   A 7  ? B 18 ? 20 1 
1 A DT  8  1_555 B DA  5  1_555 0.167  -0.495 -0.062 -1.167  -17.321 -4.548  8  A_DT8:DA17_B   A 8  ? B 17 ? 20 1 
1 A DC  9  1_555 B DG  4  1_555 0.435  -0.123 0.039  -11.785 -15.596 1.670   9  A_DC9:DG16_B   A 9  ? B 16 ? 19 1 
1 A 6OG 10 1_555 B DA  3  1_555 2.635  3.475  0.357  -11.221 -3.410  -74.116 10 A_6OG10:DA15_B A 10 ? B 15 ? ?  ? 
1 A DC  11 1_555 B DG  2  1_555 0.171  0.022  0.404  -3.766  -10.087 1.839   11 A_DC11:DG14_B  A 11 ? B 14 ? 19 1 
1 A DG  12 1_555 B DC  1  1_555 -0.391 -0.333 -0.075 -9.137  -1.825  -0.924  12 A_DG12:DC13_B  A 12 ? B 13 ? 19 1 
# 
loop_
_ndb_struct_na_base_pair_step.model_number 
_ndb_struct_na_base_pair_step.i_label_asym_id_1 
_ndb_struct_na_base_pair_step.i_label_comp_id_1 
_ndb_struct_na_base_pair_step.i_label_seq_id_1 
_ndb_struct_na_base_pair_step.i_symmetry_1 
_ndb_struct_na_base_pair_step.j_label_asym_id_1 
_ndb_struct_na_base_pair_step.j_label_comp_id_1 
_ndb_struct_na_base_pair_step.j_label_seq_id_1 
_ndb_struct_na_base_pair_step.j_symmetry_1 
_ndb_struct_na_base_pair_step.i_label_asym_id_2 
_ndb_struct_na_base_pair_step.i_label_comp_id_2 
_ndb_struct_na_base_pair_step.i_label_seq_id_2 
_ndb_struct_na_base_pair_step.i_symmetry_2 
_ndb_struct_na_base_pair_step.j_label_asym_id_2 
_ndb_struct_na_base_pair_step.j_label_comp_id_2 
_ndb_struct_na_base_pair_step.j_label_seq_id_2 
_ndb_struct_na_base_pair_step.j_symmetry_2 
_ndb_struct_na_base_pair_step.shift 
_ndb_struct_na_base_pair_step.slide 
_ndb_struct_na_base_pair_step.rise 
_ndb_struct_na_base_pair_step.tilt 
_ndb_struct_na_base_pair_step.roll 
_ndb_struct_na_base_pair_step.twist 
_ndb_struct_na_base_pair_step.x_displacement 
_ndb_struct_na_base_pair_step.y_displacement 
_ndb_struct_na_base_pair_step.helical_rise 
_ndb_struct_na_base_pair_step.inclination 
_ndb_struct_na_base_pair_step.tip 
_ndb_struct_na_base_pair_step.helical_twist 
_ndb_struct_na_base_pair_step.step_number 
_ndb_struct_na_base_pair_step.step_name 
_ndb_struct_na_base_pair_step.i_auth_asym_id_1 
_ndb_struct_na_base_pair_step.i_auth_seq_id_1 
_ndb_struct_na_base_pair_step.i_PDB_ins_code_1 
_ndb_struct_na_base_pair_step.j_auth_asym_id_1 
_ndb_struct_na_base_pair_step.j_auth_seq_id_1 
_ndb_struct_na_base_pair_step.j_PDB_ins_code_1 
_ndb_struct_na_base_pair_step.i_auth_asym_id_2 
_ndb_struct_na_base_pair_step.i_auth_seq_id_2 
_ndb_struct_na_base_pair_step.i_PDB_ins_code_2 
_ndb_struct_na_base_pair_step.j_auth_asym_id_2 
_ndb_struct_na_base_pair_step.j_auth_seq_id_2 
_ndb_struct_na_base_pair_step.j_PDB_ins_code_2 
1 A DC  1  1_555 B DG  12 1_555 A DG  2  1_555 B DC  11 1_555 1.062  -0.182 3.323  5.699   3.064    32.158   -0.871  -0.861  3.424 
5.463   -10.159 32.786   1  AA_DC1DG2:DC23DG24_BB    A 1  ? B 24 ? A 2  ? B 23 ? 
1 A DG  2  1_555 B DC  11 1_555 A DA  3  1_555 B 6OG 10 1_555 -2.313 3.678  -0.463 176.513 -18.515  -152.597 -1.841  -1.173  0.186 
9.261   88.292  -179.404 2  AA_DG2DA3:6OG22DC23_BB   A 2  ? B 23 ? A 3  ? B 22 ? 
1 A DA  3  1_555 B 6OG 10 1_555 A DG  4  1_555 B DC  9  1_555 -2.395 -1.703 -2.108 128.718 -118.230 79.244   -1.476  0.519   
-1.816 -59.754 -65.056 175.977  3  AA_DA3DG4:DC216OG22_BB   A 3  ? B 22 ? A 4  ? B 21 ? 
1 A DG  4  1_555 B DC  9  1_555 A DA  5  1_555 B DT  8  1_555 -0.319 -0.025 3.444  -4.458  1.457    39.742   -0.213  -0.074  3.455 
2.134   6.530   40.007   4  AA_DG4DA5:DT20DC21_BB    A 4  ? B 21 ? A 5  ? B 20 ? 
1 A DA  5  1_555 B DT  8  1_555 A DA  6  1_555 B DT  7  1_555 -0.465 -0.561 3.126  -2.300  -6.205   34.404   -0.021  0.435   3.199 
-10.372 3.845   35.016   5  AA_DA5DA6:DT19DT20_BB    A 5  ? B 20 ? A 6  ? B 19 ? 
1 A DA  6  1_555 B DT  7  1_555 A DT  7  1_555 B DA  6  1_555 0.767  -0.865 3.469  0.614   -4.970   30.676   -0.582  -1.304  3.576 
-9.317  -1.152  31.072   6  AA_DA6DT7:DA18DT19_BB    A 6  ? B 19 ? A 7  ? B 18 ? 
1 A DT  7  1_555 B DA  6  1_555 A DT  8  1_555 B DA  5  1_555 -0.512 -0.280 2.965  6.302   -0.864   38.357   -0.326  1.456   2.854 
-1.305  -9.511  38.861   7  AA_DT7DT8:DA17DA18_BB    A 7  ? B 18 ? A 8  ? B 17 ? 
1 A DT  8  1_555 B DA  5  1_555 A DC  9  1_555 B DG  4  1_555 0.099  0.019  3.571  -0.661  -4.129   45.273   0.422   -0.192  3.554 
-5.350  0.857   45.456   8  AA_DT8DC9:DG16DA17_BB    A 8  ? B 17 ? A 9  ? B 16 ? 
1 A DC  9  1_555 B DG  4  1_555 A 6OG 10 1_555 B DA  3  1_555 1.924  -1.707 2.940  4.917   0.044    76.863   -1.372  -1.415  3.038 
0.036   -3.951  76.995   9  AA_DC96OG10:DA15DG16_BB  A 9  ? B 16 ? A 10 ? B 15 ? 
1 A 6OG 10 1_555 B DA  3  1_555 A DC  11 1_555 B DG  2  1_555 -0.255 3.458  3.626  -9.639  -2.938   -7.000   -11.676 -15.984 2.700 
16.126  -52.897 -12.265  10 AA_6OG10DC11:DG14DA15_BB A 10 ? B 15 ? A 11 ? B 14 ? 
1 A DC  11 1_555 B DG  2  1_555 A DG  12 1_555 B DC  1  1_555 -0.396 -0.163 3.509  5.585   6.021    28.162   -1.696  2.057   3.267 
12.053  -11.181 29.312   11 AA_DC11DG12:DC13DG14_BB  A 11 ? B 14 ? A 12 ? B 13 ? 
# 
_atom_sites.entry_id                    153D 
_atom_sites.fract_transf_matrix[1][1]   -0.01269661 
_atom_sites.fract_transf_matrix[1][2]   0.03586422 
_atom_sites.fract_transf_matrix[1][3]   -0.01166350 
_atom_sites.fract_transf_matrix[2][1]   -0.02241040 
_atom_sites.fract_transf_matrix[2][2]   -0.00940563 
_atom_sites.fract_transf_matrix[2][3]   -0.00452606 
_atom_sites.fract_transf_matrix[3][1]   -0.00428627 
_atom_sites.fract_transf_matrix[3][2]   0.00321311 
_atom_sites.fract_transf_matrix[3][3]   0.01454595 
_atom_sites.fract_transf_vector[1]      0.587440 
_atom_sites.fract_transf_vector[2]      0.522087 
_atom_sites.fract_transf_vector[3]      0.127567 
# 
loop_
_atom_type.symbol 
C 
N 
O 
P 
# 
loop_
_atom_site.group_PDB 
_atom_site.id 
_atom_site.type_symbol 
_atom_site.label_atom_id 
_atom_site.label_alt_id 
_atom_site.label_comp_id 
_atom_site.label_asym_id 
_atom_site.label_entity_id 
_atom_site.label_seq_id 
_atom_site.pdbx_PDB_ins_code 
_atom_site.Cartn_x 
_atom_site.Cartn_y 
_atom_site.Cartn_z 
_atom_site.occupancy 
_atom_site.B_iso_or_equiv 
_atom_site.pdbx_formal_charge 
_atom_site.auth_seq_id 
_atom_site.auth_comp_id 
_atom_site.auth_asym_id 
_atom_site.auth_atom_id 
_atom_site.pdbx_PDB_model_num 
ATOM   1   O "O5'" . DC  A 1 1  ? -16.971 2.256   9.964   1.00 9.44  ? 1  DC  A "O5'" 1 
ATOM   2   C "C5'" . DC  A 1 1  ? -17.429 3.108   11.077  1.00 7.84  ? 1  DC  A "C5'" 1 
ATOM   3   C "C4'" . DC  A 1 1  ? -16.686 4.409   10.789  1.00 7.38  ? 1  DC  A "C4'" 1 
ATOM   4   O "O4'" . DC  A 1 1  ? -15.631 4.514   11.737  1.00 7.52  ? 1  DC  A "O4'" 1 
ATOM   5   C "C3'" . DC  A 1 1  ? -16.005 4.382   9.442   1.00 7.10  ? 1  DC  A "C3'" 1 
ATOM   6   O "O3'" . DC  A 1 1  ? -15.447 5.586   8.928   1.00 7.34  ? 1  DC  A "O3'" 1 
ATOM   7   C "C2'" . DC  A 1 1  ? -14.825 3.418   9.824   1.00 6.81  ? 1  DC  A "C2'" 1 
ATOM   8   C "C1'" . DC  A 1 1  ? -14.392 4.200   11.071  1.00 6.79  ? 1  DC  A "C1'" 1 
ATOM   9   N N1    . DC  A 1 1  ? -13.484 3.392   11.882  1.00 6.20  ? 1  DC  A N1    1 
ATOM   10  C C2    . DC  A 1 1  ? -12.509 4.080   12.601  1.00 5.57  ? 1  DC  A C2    1 
ATOM   11  O O2    . DC  A 1 1  ? -12.437 5.305   12.551  1.00 4.54  ? 1  DC  A O2    1 
ATOM   12  N N3    . DC  A 1 1  ? -11.633 3.335   13.347  1.00 5.45  ? 1  DC  A N3    1 
ATOM   13  C C4    . DC  A 1 1  ? -11.695 1.975   13.388  1.00 5.29  ? 1  DC  A C4    1 
ATOM   14  N N4    . DC  A 1 1  ? -10.813 1.320   14.137  1.00 4.92  ? 1  DC  A N4    1 
ATOM   15  C C5    . DC  A 1 1  ? -12.696 1.290   12.654  1.00 5.26  ? 1  DC  A C5    1 
ATOM   16  C C6    . DC  A 1 1  ? -13.542 2.023   11.913  1.00 5.46  ? 1  DC  A C6    1 
ATOM   17  P P     . DG  A 1 2  ? -15.520 5.719   7.296   1.00 12.22 ? 2  DG  A P     1 
ATOM   18  O OP1   . DG  A 1 2  ? -16.764 6.496   7.129   1.00 14.62 ? 2  DG  A OP1   1 
ATOM   19  O OP2   . DG  A 1 2  ? -15.494 4.361   6.669   1.00 10.23 ? 2  DG  A OP2   1 
ATOM   20  O "O5'" . DG  A 1 2  ? -14.179 6.528   6.969   1.00 10.81 ? 2  DG  A "O5'" 1 
ATOM   21  C "C5'" . DG  A 1 2  ? -13.788 7.471   8.003   1.00 9.40  ? 2  DG  A "C5'" 1 
ATOM   22  C "C4'" . DG  A 1 2  ? -12.430 7.107   8.484   1.00 9.51  ? 2  DG  A "C4'" 1 
ATOM   23  O "O4'" . DG  A 1 2  ? -12.300 5.805   9.044   1.00 8.64  ? 2  DG  A "O4'" 1 
ATOM   24  C "C3'" . DG  A 1 2  ? -11.326 7.145   7.399   1.00 8.95  ? 2  DG  A "C3'" 1 
ATOM   25  O "O3'" . DG  A 1 2  ? -10.812 8.476   7.373   1.00 9.49  ? 2  DG  A "O3'" 1 
ATOM   26  C "C2'" . DG  A 1 2  ? -10.326 6.100   7.828   1.00 8.52  ? 2  DG  A "C2'" 1 
ATOM   27  C "C1'" . DG  A 1 2  ? -10.832 5.701   9.176   1.00 8.53  ? 2  DG  A "C1'" 1 
ATOM   28  N N9    . DG  A 1 2  ? -10.434 4.373   9.608   1.00 8.28  ? 2  DG  A N9    1 
ATOM   29  C C8    . DG  A 1 2  ? -10.963 3.151   9.288   1.00 8.24  ? 2  DG  A C8    1 
ATOM   30  N N7    . DG  A 1 2  ? -10.387 2.143   9.901   1.00 8.31  ? 2  DG  A N7    1 
ATOM   31  C C5    . DG  A 1 2  ? -9.406  2.747   10.682  1.00 7.99  ? 2  DG  A C5    1 
ATOM   32  C C6    . DG  A 1 2  ? -8.447  2.203   11.573  1.00 8.26  ? 2  DG  A C6    1 
ATOM   33  O O6    . DG  A 1 2  ? -8.278  1.000   11.841  1.00 9.38  ? 2  DG  A O6    1 
ATOM   34  N N1    . DG  A 1 2  ? -7.632  3.127   12.173  1.00 7.22  ? 2  DG  A N1    1 
ATOM   35  C C2    . DG  A 1 2  ? -7.757  4.457   11.932  1.00 7.26  ? 2  DG  A C2    1 
ATOM   36  N N2    . DG  A 1 2  ? -6.893  5.242   12.583  1.00 7.73  ? 2  DG  A N2    1 
ATOM   37  N N3    . DG  A 1 2  ? -8.641  5.031   11.118  1.00 7.31  ? 2  DG  A N3    1 
ATOM   38  C C4    . DG  A 1 2  ? -9.429  4.110   10.526  1.00 7.95  ? 2  DG  A C4    1 
ATOM   39  P P     . DA  A 1 3  ? -10.736 9.255   5.993   1.00 15.73 ? 3  DA  A P     1 
ATOM   40  O OP1   . DA  A 1 3  ? -11.353 10.630  6.037   1.00 10.55 ? 3  DA  A OP1   1 
ATOM   41  O OP2   . DA  A 1 3  ? -11.423 8.358   5.026   1.00 16.83 ? 3  DA  A OP2   1 
ATOM   42  O "O5'" . DA  A 1 3  ? -9.120  9.316   5.816   1.00 12.58 ? 3  DA  A "O5'" 1 
ATOM   43  C "C5'" . DA  A 1 3  ? -8.536  10.590  6.270   1.00 11.48 ? 3  DA  A "C5'" 1 
ATOM   44  C "C4'" . DA  A 1 3  ? -7.315  10.210  7.065   1.00 10.85 ? 3  DA  A "C4'" 1 
ATOM   45  O "O4'" . DA  A 1 3  ? -7.404  8.875   7.498   1.00 10.54 ? 3  DA  A "O4'" 1 
ATOM   46  C "C3'" . DA  A 1 3  ? -6.002  10.299  6.304   1.00 11.45 ? 3  DA  A "C3'" 1 
ATOM   47  O "O3'" . DA  A 1 3  ? -5.149  11.297  6.899   1.00 12.71 ? 3  DA  A "O3'" 1 
ATOM   48  C "C2'" . DA  A 1 3  ? -5.390  8.898   6.403   1.00 11.01 ? 3  DA  A "C2'" 1 
ATOM   49  C "C1'" . DA  A 1 3  ? -6.001  8.437   7.692   1.00 10.45 ? 3  DA  A "C1'" 1 
ATOM   50  N N9    . DA  A 1 3  ? -5.997  7.007   7.947   1.00 9.97  ? 3  DA  A N9    1 
ATOM   51  C C8    . DA  A 1 3  ? -5.270  6.290   8.870   1.00 10.16 ? 3  DA  A C8    1 
ATOM   52  N N7    . DA  A 1 3  ? -5.555  5.010   8.911   1.00 9.45  ? 3  DA  A N7    1 
ATOM   53  C C5    . DA  A 1 3  ? -6.585  4.880   7.990   1.00 9.94  ? 3  DA  A C5    1 
ATOM   54  C C6    . DA  A 1 3  ? -7.325  3.751   7.568   1.00 9.78  ? 3  DA  A C6    1 
ATOM   55  N N6    . DA  A 1 3  ? -7.156  2.540   8.057   1.00 8.99  ? 3  DA  A N6    1 
ATOM   56  N N1    . DA  A 1 3  ? -8.248  4.005   6.593   1.00 10.69 ? 3  DA  A N1    1 
ATOM   57  C C2    . DA  A 1 3  ? -8.441  5.257   6.081   1.00 10.68 ? 3  DA  A C2    1 
ATOM   58  N N3    . DA  A 1 3  ? -7.800  6.358   6.446   1.00 10.39 ? 3  DA  A N3    1 
ATOM   59  C C4    . DA  A 1 3  ? -6.878  6.096   7.401   1.00 10.02 ? 3  DA  A C4    1 
ATOM   60  P P     . DG  A 1 4  ? -3.832  11.679  6.014   1.00 15.98 ? 4  DG  A P     1 
ATOM   61  O OP1   . DG  A 1 4  ? -3.472  13.078  6.360   1.00 13.17 ? 4  DG  A OP1   1 
ATOM   62  O OP2   . DG  A 1 4  ? -4.324  11.504  4.614   1.00 14.30 ? 4  DG  A OP2   1 
ATOM   63  O "O5'" . DG  A 1 4  ? -2.839  10.519  6.466   1.00 8.95  ? 4  DG  A "O5'" 1 
ATOM   64  C "C5'" . DG  A 1 4  ? -2.776  10.173  7.868   1.00 8.78  ? 4  DG  A "C5'" 1 
ATOM   65  C "C4'" . DG  A 1 4  ? -1.600  9.218   7.985   1.00 9.07  ? 4  DG  A "C4'" 1 
ATOM   66  O "O4'" . DG  A 1 4  ? -2.004  7.886   8.071   1.00 8.49  ? 4  DG  A "O4'" 1 
ATOM   67  C "C3'" . DG  A 1 4  ? -0.629  9.323   6.804   1.00 9.12  ? 4  DG  A "C3'" 1 
ATOM   68  O "O3'" . DG  A 1 4  ? 0.728   9.354   7.225   1.00 9.88  ? 4  DG  A "O3'" 1 
ATOM   69  C "C2'" . DG  A 1 4  ? -0.991  8.111   5.969   1.00 9.17  ? 4  DG  A "C2'" 1 
ATOM   70  C "C1'" . DG  A 1 4  ? -1.426  7.106   7.004   1.00 8.53  ? 4  DG  A "C1'" 1 
ATOM   71  N N9    . DG  A 1 4  ? -2.428  6.183   6.438   1.00 8.37  ? 4  DG  A N9    1 
ATOM   72  C C8    . DG  A 1 4  ? -3.400  6.440   5.503   1.00 8.00  ? 4  DG  A C8    1 
ATOM   73  N N7    . DG  A 1 4  ? -4.163  5.414   5.252   1.00 7.55  ? 4  DG  A N7    1 
ATOM   74  C C5    . DG  A 1 4  ? -3.678  4.409   6.084   1.00 7.01  ? 4  DG  A C5    1 
ATOM   75  C C6    . DG  A 1 4  ? -4.077  3.065   6.263   1.00 7.08  ? 4  DG  A C6    1 
ATOM   76  O O6    . DG  A 1 4  ? -5.012  2.478   5.704   1.00 6.51  ? 4  DG  A O6    1 
ATOM   77  N N1    . DG  A 1 4  ? -3.323  2.361   7.170   1.00 7.16  ? 4  DG  A N1    1 
ATOM   78  C C2    . DG  A 1 4  ? -2.290  2.933   7.844   1.00 7.42  ? 4  DG  A C2    1 
ATOM   79  N N2    . DG  A 1 4  ? -1.641  2.132   8.706   1.00 7.00  ? 4  DG  A N2    1 
ATOM   80  N N3    . DG  A 1 4  ? -1.887  4.202   7.744   1.00 7.47  ? 4  DG  A N3    1 
ATOM   81  C C4    . DG  A 1 4  ? -2.620  4.870   6.823   1.00 7.79  ? 4  DG  A C4    1 
ATOM   82  P P     . DA  A 1 5  ? 1.946   8.935   6.281   1.00 11.43 ? 5  DA  A P     1 
ATOM   83  O OP1   . DA  A 1 5  ? 3.030   9.989   6.415   1.00 14.90 ? 5  DA  A OP1   1 
ATOM   84  O OP2   . DA  A 1 5  ? 1.348   8.935   4.909   1.00 7.70  ? 5  DA  A OP2   1 
ATOM   85  O "O5'" . DA  A 1 5  ? 2.449   7.544   6.819   1.00 6.80  ? 5  DA  A "O5'" 1 
ATOM   86  C "C5'" . DA  A 1 5  ? 2.997   7.368   8.133   1.00 6.22  ? 5  DA  A "C5'" 1 
ATOM   87  C "C4'" . DA  A 1 5  ? 3.238   5.873   8.279   1.00 6.83  ? 5  DA  A "C4'" 1 
ATOM   88  O "O4'" . DA  A 1 5  ? 2.094   5.132   7.907   1.00 7.60  ? 5  DA  A "O4'" 1 
ATOM   89  C "C3'" . DA  A 1 5  ? 4.369   5.303   7.446   1.00 7.06  ? 5  DA  A "C3'" 1 
ATOM   90  O "O3'" . DA  A 1 5  ? 5.108   4.281   8.137   1.00 6.70  ? 5  DA  A "O3'" 1 
ATOM   91  C "C2'" . DA  A 1 5  ? 3.649   4.767   6.205   1.00 7.01  ? 5  DA  A "C2'" 1 
ATOM   92  C "C1'" . DA  A 1 5  ? 2.394   4.207   6.817   1.00 6.50  ? 5  DA  A "C1'" 1 
ATOM   93  N N9    . DA  A 1 5  ? 1.279   4.177   5.864   1.00 5.44  ? 5  DA  A N9    1 
ATOM   94  C C8    . DA  A 1 5  ? 0.717   5.237   5.203   1.00 5.09  ? 5  DA  A C8    1 
ATOM   95  N N7    . DA  A 1 5  ? -0.328  4.926   4.489   1.00 5.04  ? 5  DA  A N7    1 
ATOM   96  C C5    . DA  A 1 5  ? -0.479  3.560   4.691   1.00 4.90  ? 5  DA  A C5    1 
ATOM   97  C C6    . DA  A 1 5  ? -1.435  2.639   4.201   1.00 4.78  ? 5  DA  A C6    1 
ATOM   98  N N6    . DA  A 1 5  ? -2.397  2.959   3.351   1.00 4.41  ? 5  DA  A N6    1 
ATOM   99  N N1    . DA  A 1 5  ? -1.286  1.358   4.645   1.00 4.72  ? 5  DA  A N1    1 
ATOM   100 C C2    . DA  A 1 5  ? -0.292  1.010   5.509   1.00 5.68  ? 5  DA  A C2    1 
ATOM   101 N N3    . DA  A 1 5  ? 0.644   1.832   6.015   1.00 6.11  ? 5  DA  A N3    1 
ATOM   102 C C4    . DA  A 1 5  ? 0.492   3.095   5.554   1.00 5.46  ? 5  DA  A C4    1 
ATOM   103 P P     . DA  A 1 6  ? 6.590   3.973   7.542   1.00 11.85 ? 6  DA  A P     1 
ATOM   104 O OP1   . DA  A 1 6  ? 7.569   4.025   8.685   1.00 14.58 ? 6  DA  A OP1   1 
ATOM   105 O OP2   . DA  A 1 6  ? 6.837   4.989   6.504   1.00 9.34  ? 6  DA  A OP2   1 
ATOM   106 O "O5'" . DA  A 1 6  ? 6.447   2.490   6.961   1.00 8.85  ? 6  DA  A "O5'" 1 
ATOM   107 C "C5'" . DA  A 1 6  ? 6.286   1.482   8.016   1.00 8.89  ? 6  DA  A "C5'" 1 
ATOM   108 C "C4'" . DA  A 1 6  ? 5.531   0.357   7.349   1.00 8.13  ? 6  DA  A "C4'" 1 
ATOM   109 O "O4'" . DA  A 1 6  ? 4.431   0.855   6.640   1.00 7.94  ? 6  DA  A "O4'" 1 
ATOM   110 C "C3'" . DA  A 1 6  ? 6.383   -0.454  6.362   1.00 7.35  ? 6  DA  A "C3'" 1 
ATOM   111 O "O3'" . DA  A 1 6  ? 6.617   -1.731  6.933   1.00 7.69  ? 6  DA  A "O3'" 1 
ATOM   112 C "C2'" . DA  A 1 6  ? 5.574   -0.474  5.090   1.00 7.54  ? 6  DA  A "C2'" 1 
ATOM   113 C "C1'" . DA  A 1 6  ? 4.204   -0.038  5.511   1.00 7.43  ? 6  DA  A "C1'" 1 
ATOM   114 N N9    . DA  A 1 6  ? 3.450   0.690   4.482   1.00 6.84  ? 6  DA  A N9    1 
ATOM   115 C C8    . DA  A 1 6  ? 3.599   1.985   4.055   1.00 6.25  ? 6  DA  A C8    1 
ATOM   116 N N7    . DA  A 1 6  ? 2.729   2.349   3.147   1.00 6.00  ? 6  DA  A N7    1 
ATOM   117 C C5    . DA  A 1 6  ? 1.940   1.220   2.971   1.00 5.86  ? 6  DA  A C5    1 
ATOM   118 C C6    . DA  A 1 6  ? 0.832   0.969   2.130   1.00 5.83  ? 6  DA  A C6    1 
ATOM   119 N N6    . DA  A 1 6  ? 0.333   1.851   1.286   1.00 6.39  ? 6  DA  A N6    1 
ATOM   120 N N1    . DA  A 1 6  ? 0.288   -0.273  2.230   1.00 5.69  ? 6  DA  A N1    1 
ATOM   121 C C2    . DA  A 1 6  ? 0.806   -1.205  3.084   1.00 6.53  ? 6  DA  A C2    1 
ATOM   122 N N3    . DA  A 1 6  ? 1.845   -1.047  3.905   1.00 5.92  ? 6  DA  A N3    1 
ATOM   123 C C4    . DA  A 1 6  ? 2.358   0.197   3.795   1.00 6.45  ? 6  DA  A C4    1 
ATOM   124 P P     . DT  A 1 7  ? 7.551   -2.881  6.466   1.00 9.27  ? 7  DT  A P     1 
ATOM   125 O OP1   . DT  A 1 7  ? 7.959   -3.776  7.629   1.00 8.24  ? 7  DT  A OP1   1 
ATOM   126 O OP2   . DT  A 1 7  ? 8.749   -2.215  5.867   1.00 10.53 ? 7  DT  A OP2   1 
ATOM   127 O "O5'" . DT  A 1 7  ? 6.652   -3.715  5.449   1.00 8.31  ? 7  DT  A "O5'" 1 
ATOM   128 C "C5'" . DT  A 1 7  ? 5.220   -3.845  5.717   1.00 8.01  ? 7  DT  A "C5'" 1 
ATOM   129 C "C4'" . DT  A 1 7  ? 4.612   -4.170  4.365   1.00 7.92  ? 7  DT  A "C4'" 1 
ATOM   130 O "O4'" . DT  A 1 7  ? 4.149   -3.009  3.717   1.00 7.66  ? 7  DT  A "O4'" 1 
ATOM   131 C "C3'" . DT  A 1 7  ? 5.595   -4.844  3.395   1.00 7.57  ? 7  DT  A "C3'" 1 
ATOM   132 O "O3'" . DT  A 1 7  ? 5.338   -6.239  3.345   1.00 8.77  ? 7  DT  A "O3'" 1 
ATOM   133 C "C2'" . DT  A 1 7  ? 5.398   -4.125  2.078   1.00 7.15  ? 7  DT  A "C2'" 1 
ATOM   134 C "C1'" . DT  A 1 7  ? 4.155   -3.335  2.279   1.00 7.14  ? 7  DT  A "C1'" 1 
ATOM   135 N N1    . DT  A 1 7  ? 4.103   -2.081  1.527   1.00 6.73  ? 7  DT  A N1    1 
ATOM   136 C C2    . DT  A 1 7  ? 3.052   -1.939  0.622   1.00 6.58  ? 7  DT  A C2    1 
ATOM   137 O O2    . DT  A 1 7  ? 2.257   -2.849  0.445   1.00 5.92  ? 7  DT  A O2    1 
ATOM   138 N N3    . DT  A 1 7  ? 2.972   -0.770  -0.079  1.00 6.64  ? 7  DT  A N3    1 
ATOM   139 C C4    . DT  A 1 7  ? 3.852   0.250   0.113   1.00 6.80  ? 7  DT  A C4    1 
ATOM   140 O O4    . DT  A 1 7  ? 3.680   1.313   -0.558  1.00 7.69  ? 7  DT  A O4    1 
ATOM   141 C C5    . DT  A 1 7  ? 4.905   0.101   1.061   1.00 6.42  ? 7  DT  A C5    1 
ATOM   142 C C7    . DT  A 1 7  ? 5.891   1.209   1.278   1.00 6.63  ? 7  DT  A C7    1 
ATOM   143 C C6    . DT  A 1 7  ? 4.983   -1.056  1.731   1.00 6.39  ? 7  DT  A C6    1 
ATOM   144 P P     . DT  A 1 8  ? 6.103   -7.337  2.506   1.00 10.57 ? 8  DT  A P     1 
ATOM   145 O OP1   . DT  A 1 8  ? 6.266   -8.589  3.306   1.00 11.08 ? 8  DT  A OP1   1 
ATOM   146 O OP2   . DT  A 1 8  ? 7.353   -6.684  2.133   1.00 9.42  ? 8  DT  A OP2   1 
ATOM   147 O "O5'" . DT  A 1 8  ? 5.104   -7.639  1.248   1.00 11.10 ? 8  DT  A "O5'" 1 
ATOM   148 C "C5'" . DT  A 1 8  ? 3.703   -7.494  1.435   1.00 10.69 ? 8  DT  A "C5'" 1 
ATOM   149 C "C4'" . DT  A 1 8  ? 2.915   -7.464  0.166   1.00 10.63 ? 8  DT  A "C4'" 1 
ATOM   150 O "O4'" . DT  A 1 8  ? 2.682   -6.156  -0.315  1.00 10.02 ? 8  DT  A "O4'" 1 
ATOM   151 C "C3'" . DT  A 1 8  ? 3.472   -8.263  -1.019  1.00 10.78 ? 8  DT  A "C3'" 1 
ATOM   152 O "O3'" . DT  A 1 8  ? 2.424   -9.018  -1.616  1.00 11.66 ? 8  DT  A "O3'" 1 
ATOM   153 C "C2'" . DT  A 1 8  ? 4.072   -7.179  -1.908  1.00 10.42 ? 8  DT  A "C2'" 1 
ATOM   154 C "C1'" . DT  A 1 8  ? 3.092   -6.053  -1.696  1.00 10.28 ? 8  DT  A "C1'" 1 
ATOM   155 N N1    . DT  A 1 8  ? 3.688   -4.732  -1.956  1.00 10.21 ? 8  DT  A N1    1 
ATOM   156 C C2    . DT  A 1 8  ? 2.900   -3.844  -2.680  1.00 10.91 ? 8  DT  A C2    1 
ATOM   157 O O2    . DT  A 1 8  ? 1.795   -4.167  -3.127  1.00 11.42 ? 8  DT  A O2    1 
ATOM   158 N N3    . DT  A 1 8  ? 3.402   -2.586  -2.899  1.00 10.75 ? 8  DT  A N3    1 
ATOM   159 C C4    . DT  A 1 8  ? 4.609   -2.188  -2.439  1.00 9.85  ? 8  DT  A C4    1 
ATOM   160 O O4    . DT  A 1 8  ? 4.962   -0.999  -2.701  1.00 9.20  ? 8  DT  A O4    1 
ATOM   161 C C5    . DT  A 1 8  ? 5.394   -3.118  -1.693  1.00 9.37  ? 8  DT  A C5    1 
ATOM   162 C C7    . DT  A 1 8  ? 6.743   -2.710  -1.180  1.00 9.61  ? 8  DT  A C7    1 
ATOM   163 C C6    . DT  A 1 8  ? 4.898   -4.337  -1.480  1.00 9.62  ? 8  DT  A C6    1 
ATOM   164 P P     . DC  A 1 9  ? 2.454   -9.841  -2.972  1.00 15.69 ? 9  DC  A P     1 
ATOM   165 O OP1   . DC  A 1 9  ? 1.541   -11.052 -2.829  1.00 14.44 ? 9  DC  A OP1   1 
ATOM   166 O OP2   . DC  A 1 9  ? 3.853   -10.235 -3.201  1.00 10.57 ? 9  DC  A OP2   1 
ATOM   167 O "O5'" . DC  A 1 9  ? 1.830   -8.805  -4.045  1.00 10.49 ? 9  DC  A "O5'" 1 
ATOM   168 C "C5'" . DC  A 1 9  ? 0.643   -8.089  -3.542  1.00 9.78  ? 9  DC  A "C5'" 1 
ATOM   169 C "C4'" . DC  A 1 9  ? -0.121  -7.672  -4.780  1.00 9.56  ? 9  DC  A "C4'" 1 
ATOM   170 O "O4'" . DC  A 1 9  ? 0.221   -6.385  -5.218  1.00 9.28  ? 9  DC  A "O4'" 1 
ATOM   171 C "C3'" . DC  A 1 9  ? 0.102   -8.592  -5.983  1.00 9.52  ? 9  DC  A "C3'" 1 
ATOM   172 O "O3'" . DC  A 1 9  ? -1.099  -8.811  -6.721  1.00 10.01 ? 9  DC  A "O3'" 1 
ATOM   173 C "C2'" . DC  A 1 9  ? 1.201   -7.884  -6.736  1.00 9.77  ? 9  DC  A "C2'" 1 
ATOM   174 C "C1'" . DC  A 1 9  ? 1.004   -6.427  -6.422  1.00 9.19  ? 9  DC  A "C1'" 1 
ATOM   175 N N1    . DC  A 1 9  ? 2.315   -5.790  -6.197  1.00 8.95  ? 9  DC  A N1    1 
ATOM   176 C C2    . DC  A 1 9  ? 2.479   -4.489  -6.615  1.00 8.63  ? 9  DC  A C2    1 
ATOM   177 O O2    . DC  A 1 9  ? 1.564   -3.889  -7.175  1.00 8.26  ? 9  DC  A O2    1 
ATOM   178 N N3    . DC  A 1 9  ? 3.687   -3.897  -6.382  1.00 8.91  ? 9  DC  A N3    1 
ATOM   179 C C4    . DC  A 1 9  ? 4.710   -4.537  -5.761  1.00 9.18  ? 9  DC  A C4    1 
ATOM   180 N N4    . DC  A 1 9  ? 5.877   -3.911  -5.576  1.00 8.62  ? 9  DC  A N4    1 
ATOM   181 C C5    . DC  A 1 9  ? 4.523   -5.879  -5.320  1.00 9.67  ? 9  DC  A C5    1 
ATOM   182 C C6    . DC  A 1 9  ? 3.327   -6.456  -5.559  1.00 9.57  ? 9  DC  A C6    1 
HETATM 183 P P     . 6OG A 1 10 ? -1.136  -9.205  -8.261  1.00 13.63 ? 10 6OG A P     1 
HETATM 184 O OP1   . 6OG A 1 10 ? -2.544  -9.253  -8.789  1.00 12.63 ? 10 6OG A OP1   1 
HETATM 185 O OP2   . 6OG A 1 10 ? -0.468  -10.532 -8.320  1.00 12.74 ? 10 6OG A OP2   1 
HETATM 186 O "O5'" . 6OG A 1 10 ? -0.300  -8.032  -8.981  1.00 14.13 ? 10 6OG A "O5'" 1 
HETATM 187 N N9    . 6OG A 1 10 ? 2.900   -6.321  -10.286 1.00 12.78 ? 10 6OG A N9    1 
HETATM 188 C C4    . 6OG A 1 10 ? 3.873   -5.385  -9.979  1.00 12.37 ? 10 6OG A C4    1 
HETATM 189 N N3    . 6OG A 1 10 ? 3.825   -4.073  -10.255 1.00 12.30 ? 10 6OG A N3    1 
HETATM 190 C C2    . 6OG A 1 10 ? 4.912   -3.435  -9.829  1.00 12.43 ? 10 6OG A C2    1 
HETATM 191 N N2    . 6OG A 1 10 ? 5.024   -2.116  -10.033 1.00 12.62 ? 10 6OG A N2    1 
HETATM 192 N N1    . 6OG A 1 10 ? 5.960   -4.006  -9.167  1.00 12.37 ? 10 6OG A N1    1 
HETATM 193 C C6    . 6OG A 1 10 ? 6.004   -5.341  -8.887  1.00 12.09 ? 10 6OG A C6    1 
HETATM 194 O O6    . 6OG A 1 10 ? 7.143   -5.839  -8.186  1.00 11.98 ? 10 6OG A O6    1 
HETATM 195 C C5    . 6OG A 1 10 ? 4.874   -6.070  -9.334  1.00 12.40 ? 10 6OG A C5    1 
HETATM 196 N N7    . 6OG A 1 10 ? 4.555   -7.422  -9.232  1.00 13.17 ? 10 6OG A N7    1 
HETATM 197 C C8    . 6OG A 1 10 ? 3.368   -7.510  -9.804  1.00 12.95 ? 10 6OG A C8    1 
HETATM 198 C "C2'" . 6OG A 1 10 ? 0.909   -7.267  -11.407 1.00 13.62 ? 10 6OG A "C2'" 1 
HETATM 199 C "C5'" . 6OG A 1 10 ? -0.740  -6.657  -8.755  1.00 13.58 ? 10 6OG A "C5'" 1 
HETATM 200 C "C4'" . 6OG A 1 10 ? -0.515  -5.932  -10.052 1.00 13.86 ? 10 6OG A "C4'" 1 
HETATM 201 O "O4'" . 6OG A 1 10 ? 0.727   -5.288  -10.137 1.00 13.84 ? 10 6OG A "O4'" 1 
HETATM 202 C "C1'" . 6OG A 1 10 ? 1.639   -6.019  -10.986 1.00 13.32 ? 10 6OG A "C1'" 1 
HETATM 203 C "C3'" . 6OG A 1 10 ? -0.547  -6.856  -11.307 1.00 14.14 ? 10 6OG A "C3'" 1 
HETATM 204 O "O3'" . 6OG A 1 10 ? -1.179  -6.200  -12.367 1.00 14.97 ? 10 6OG A "O3'" 1 
HETATM 205 C C     . 6OG A 1 10 ? 7.127   -7.189  -7.715  1.00 11.92 ? 10 6OG A C     1 
ATOM   206 P P     . DC  A 1 11 ? -1.326  -6.255  -13.911 1.00 13.60 ? 11 DC  A P     1 
ATOM   207 O OP1   . DC  A 1 11 ? -2.777  -6.083  -14.356 1.00 9.94  ? 11 DC  A OP1   1 
ATOM   208 O OP2   . DC  A 1 11 ? -0.722  -7.529  -14.345 1.00 7.85  ? 11 DC  A OP2   1 
ATOM   209 O "O5'" . DC  A 1 11 ? -0.591  -4.874  -14.391 1.00 11.18 ? 11 DC  A "O5'" 1 
ATOM   210 C "C5'" . DC  A 1 11 ? -1.656  -3.891  -14.695 1.00 12.27 ? 11 DC  A "C5'" 1 
ATOM   211 C "C4'" . DC  A 1 11 ? -0.971  -2.568  -14.895 1.00 12.83 ? 11 DC  A "C4'" 1 
ATOM   212 O "O4'" . DC  A 1 11 ? 0.194   -2.499  -14.107 1.00 13.41 ? 11 DC  A "O4'" 1 
ATOM   213 C "C3'" . DC  A 1 11 ? -0.544  -2.264  -16.336 1.00 12.51 ? 11 DC  A "C3'" 1 
ATOM   214 O "O3'" . DC  A 1 11 ? -0.740  -0.886  -16.636 1.00 14.02 ? 11 DC  A "O3'" 1 
ATOM   215 C "C2'" . DC  A 1 11 ? 0.914   -2.678  -16.351 1.00 12.87 ? 11 DC  A "C2'" 1 
ATOM   216 C "C1'" . DC  A 1 11 ? 1.368   -2.415  -14.949 1.00 13.49 ? 11 DC  A "C1'" 1 
ATOM   217 N N1    . DC  A 1 11 ? 2.369   -3.408  -14.503 1.00 13.70 ? 11 DC  A N1    1 
ATOM   218 C C2    . DC  A 1 11 ? 3.607   -2.911  -14.090 1.00 14.10 ? 11 DC  A C2    1 
ATOM   219 O O2    . DC  A 1 11 ? 3.844   -1.697  -14.117 1.00 15.16 ? 11 DC  A O2    1 
ATOM   220 N N3    . DC  A 1 11 ? 4.546   -3.805  -13.678 1.00 13.70 ? 11 DC  A N3    1 
ATOM   221 C C4    . DC  A 1 11 ? 4.294   -5.141  -13.628 1.00 14.17 ? 11 DC  A C4    1 
ATOM   222 N N4    . DC  A 1 11 ? 5.238   -5.976  -13.187 1.00 14.29 ? 11 DC  A N4    1 
ATOM   223 C C5    . DC  A 1 11 ? 3.025   -5.632  -14.039 1.00 13.92 ? 11 DC  A C5    1 
ATOM   224 C C6    . DC  A 1 11 ? 2.112   -4.736  -14.450 1.00 13.32 ? 11 DC  A C6    1 
ATOM   225 P P     . DG  A 1 12 ? -1.087  -0.330  -18.105 1.00 21.84 ? 12 DG  A P     1 
ATOM   226 O OP1   . DG  A 1 12 ? -2.106  0.785   -18.012 1.00 18.06 ? 12 DG  A OP1   1 
ATOM   227 O OP2   . DG  A 1 12 ? -1.567  -1.544  -18.797 1.00 19.45 ? 12 DG  A OP2   1 
ATOM   228 O "O5'" . DG  A 1 12 ? 0.314   0.295   -18.629 1.00 16.69 ? 12 DG  A "O5'" 1 
ATOM   229 C "C5'" . DG  A 1 12 ? 1.524   -0.095  -17.931 1.00 16.08 ? 12 DG  A "C5'" 1 
ATOM   230 C "C4'" . DG  A 1 12 ? 2.622   0.897   -18.253 1.00 15.35 ? 12 DG  A "C4'" 1 
ATOM   231 O "O4'" . DG  A 1 12 ? 3.804   0.511   -17.537 1.00 14.86 ? 12 DG  A "O4'" 1 
ATOM   232 C "C3'" . DG  A 1 12 ? 3.075   0.942   -19.704 1.00 15.28 ? 12 DG  A "C3'" 1 
ATOM   233 O "O3'" . DG  A 1 12 ? 3.771   2.132   -20.057 1.00 14.73 ? 12 DG  A "O3'" 1 
ATOM   234 C "C2'" . DG  A 1 12 ? 3.971   -0.318  -19.753 1.00 14.41 ? 12 DG  A "C2'" 1 
ATOM   235 C "C1'" . DG  A 1 12 ? 4.687   -0.196  -18.427 1.00 13.77 ? 12 DG  A "C1'" 1 
ATOM   236 N N9    . DG  A 1 12 ? 5.025   -1.526  -17.910 1.00 12.47 ? 12 DG  A N9    1 
ATOM   237 C C8    . DG  A 1 12 ? 4.274   -2.662  -17.936 1.00 12.76 ? 12 DG  A C8    1 
ATOM   238 N N7    . DG  A 1 12 ? 4.869   -3.708  -17.399 1.00 12.83 ? 12 DG  A N7    1 
ATOM   239 C C5    . DG  A 1 12 ? 6.100   -3.208  -16.981 1.00 12.23 ? 12 DG  A C5    1 
ATOM   240 C C6    . DG  A 1 12 ? 7.188   -3.834  -16.317 1.00 12.22 ? 12 DG  A C6    1 
ATOM   241 O O6    . DG  A 1 12 ? 7.275   -5.020  -15.960 1.00 11.30 ? 12 DG  A O6    1 
ATOM   242 N N1    . DG  A 1 12 ? 8.249   -2.997  -16.058 1.00 12.26 ? 12 DG  A N1    1 
ATOM   243 C C2    . DG  A 1 12 ? 8.240   -1.682  -16.426 1.00 12.35 ? 12 DG  A C2    1 
ATOM   244 N N2    . DG  A 1 12 ? 9.351   -0.995  -16.134 1.00 11.80 ? 12 DG  A N2    1 
ATOM   245 N N3    . DG  A 1 12 ? 7.246   -1.047  -17.045 1.00 12.08 ? 12 DG  A N3    1 
ATOM   246 C C4    . DG  A 1 12 ? 6.209   -1.870  -17.292 1.00 12.31 ? 12 DG  A C4    1 
ATOM   247 O "O5'" . DC  B 1 1  ? 14.929  -5.023  -15.188 1.00 17.47 ? 13 DC  B "O5'" 1 
ATOM   248 C "C5'" . DC  B 1 1  ? 15.412  -4.859  -13.811 1.00 16.40 ? 13 DC  B "C5'" 1 
ATOM   249 C "C4'" . DC  B 1 1  ? 15.415  -3.385  -13.503 1.00 15.83 ? 13 DC  B "C4'" 1 
ATOM   250 O "O4'" . DC  B 1 1  ? 14.250  -2.745  -14.015 1.00 15.13 ? 13 DC  B "O4'" 1 
ATOM   251 C "C3'" . DC  B 1 1  ? 15.387  -3.048  -11.991 1.00 15.59 ? 13 DC  B "C3'" 1 
ATOM   252 O "O3'" . DC  B 1 1  ? 15.759  -1.730  -11.712 1.00 15.57 ? 13 DC  B "O3'" 1 
ATOM   253 C "C2'" . DC  B 1 1  ? 13.894  -3.347  -11.732 1.00 15.48 ? 13 DC  B "C2'" 1 
ATOM   254 C "C1'" . DC  B 1 1  ? 13.233  -2.855  -13.019 1.00 14.87 ? 13 DC  B "C1'" 1 
ATOM   255 N N1    . DC  B 1 1  ? 12.197  -3.824  -13.405 1.00 14.35 ? 13 DC  B N1    1 
ATOM   256 C C2    . DC  B 1 1  ? 11.188  -3.357  -14.240 1.00 14.53 ? 13 DC  B C2    1 
ATOM   257 O O2    . DC  B 1 1  ? 11.217  -2.202  -14.664 1.00 14.70 ? 13 DC  B O2    1 
ATOM   258 N N3    . DC  B 1 1  ? 10.177  -4.220  -14.560 1.00 14.02 ? 13 DC  B N3    1 
ATOM   259 C C4    . DC  B 1 1  ? 10.152  -5.499  -14.099 1.00 13.61 ? 13 DC  B C4    1 
ATOM   260 N N4    . DC  B 1 1  ? 9.137   -6.289  -14.457 1.00 14.13 ? 13 DC  B N4    1 
ATOM   261 C C5    . DC  B 1 1  ? 11.181  -5.963  -13.253 1.00 13.87 ? 13 DC  B C5    1 
ATOM   262 C C6    . DC  B 1 1  ? 12.164  -5.099  -12.934 1.00 14.18 ? 13 DC  B C6    1 
ATOM   263 P P     . DG  B 1 2  ? 16.007  -0.697  -10.622 1.00 18.89 ? 14 DG  B P     1 
ATOM   264 O OP1   . DG  B 1 2  ? 17.351  0.018   -10.701 1.00 15.92 ? 14 DG  B OP1   1 
ATOM   265 O OP2   . DG  B 1 2  ? 15.909  -1.487  -9.315  1.00 16.16 ? 14 DG  B OP2   1 
ATOM   266 O "O5'" . DG  B 1 2  ? 14.832  0.404   -10.690 1.00 11.61 ? 14 DG  B "O5'" 1 
ATOM   267 C "C5'" . DG  B 1 2  ? 14.543  0.793   -12.084 1.00 9.87  ? 14 DG  B "C5'" 1 
ATOM   268 C "C4'" . DG  B 1 2  ? 13.120  1.273   -12.087 1.00 9.55  ? 14 DG  B "C4'" 1 
ATOM   269 O "O4'" . DG  B 1 2  ? 12.197  0.252   -12.422 1.00 9.44  ? 14 DG  B "O4'" 1 
ATOM   270 C "C3'" . DG  B 1 2  ? 12.660  1.869   -10.739 1.00 8.44  ? 14 DG  B "C3'" 1 
ATOM   271 O "O3'" . DG  B 1 2  ? 11.924  3.061   -11.006 1.00 7.68  ? 14 DG  B "O3'" 1 
ATOM   272 C "C2'" . DG  B 1 2  ? 11.853  0.723   -10.152 1.00 8.70  ? 14 DG  B "C2'" 1 
ATOM   273 C "C1'" . DG  B 1 2  ? 11.138  0.270   -11.418 1.00 9.18  ? 14 DG  B "C1'" 1 
ATOM   274 N N9    . DG  B 1 2  ? 10.545  -1.058  -11.307 1.00 8.78  ? 14 DG  B N9    1 
ATOM   275 C C8    . DG  B 1 2  ? 11.084  -2.181  -10.735 1.00 9.00  ? 14 DG  B C8    1 
ATOM   276 N N7    . DG  B 1 2  ? 10.306  -3.237  -10.813 1.00 9.35  ? 14 DG  B N7    1 
ATOM   277 C C5    . DG  B 1 2  ? 9.178   -2.774  -11.495 1.00 8.69  ? 14 DG  B C5    1 
ATOM   278 C C6    . DG  B 1 2  ? 7.991   -3.432  -11.892 1.00 8.89  ? 14 DG  B C6    1 
ATOM   279 O O6    . DG  B 1 2  ? 7.688   -4.624  -11.712 1.00 8.97  ? 14 DG  B O6    1 
ATOM   280 N N1    . DG  B 1 2  ? 7.093   -2.626  -12.542 1.00 8.96  ? 14 DG  B N1    1 
ATOM   281 C C2    . DG  B 1 2  ? 7.340   -1.319  -12.798 1.00 8.96  ? 14 DG  B C2    1 
ATOM   282 N N2    . DG  B 1 2  ? 6.367   -0.667  -13.463 1.00 9.66  ? 14 DG  B N2    1 
ATOM   283 N N3    . DG  B 1 2  ? 8.441   -0.662  -12.454 1.00 8.85  ? 14 DG  B N3    1 
ATOM   284 C C4    . DG  B 1 2  ? 9.313   -1.446  -11.804 1.00 8.54  ? 14 DG  B C4    1 
ATOM   285 P P     . DA  B 1 3  ? 11.719  4.123   -9.815  1.00 8.42  ? 15 DA  B P     1 
ATOM   286 O OP1   . DA  B 1 3  ? 12.571  5.335   -9.949  1.00 10.47 ? 15 DA  B OP1   1 
ATOM   287 O OP2   . DA  B 1 3  ? 12.013  3.342   -8.587  1.00 8.18  ? 15 DA  B OP2   1 
ATOM   288 O "O5'" . DA  B 1 3  ? 10.193  4.566   -9.964  1.00 6.48  ? 15 DA  B "O5'" 1 
ATOM   289 C "C5'" . DA  B 1 3  ? 9.963   5.525   -11.062 1.00 6.09  ? 15 DA  B "C5'" 1 
ATOM   290 C "C4'" . DA  B 1 3  ? 8.480   5.303   -11.319 1.00 6.31  ? 15 DA  B "C4'" 1 
ATOM   291 O "O4'" . DA  B 1 3  ? 8.236   3.909   -11.345 1.00 7.22  ? 15 DA  B "O4'" 1 
ATOM   292 C "C3'" . DA  B 1 3  ? 7.602   5.897   -10.218 1.00 5.78  ? 15 DA  B "C3'" 1 
ATOM   293 O "O3'" . DA  B 1 3  ? 6.460   6.519   -10.760 1.00 5.35  ? 15 DA  B "O3'" 1 
ATOM   294 C "C2'" . DA  B 1 3  ? 7.353   4.672   -9.333  1.00 6.24  ? 15 DA  B "C2'" 1 
ATOM   295 C "C1'" . DA  B 1 3  ? 7.184   3.608   -10.372 1.00 6.58  ? 15 DA  B "C1'" 1 
ATOM   296 N N9    . DA  B 1 3  ? 7.227   2.223   -9.916  1.00 6.06  ? 15 DA  B N9    1 
ATOM   297 C C8    . DA  B 1 3  ? 6.350   1.244   -10.370 1.00 5.83  ? 15 DA  B C8    1 
ATOM   298 N N7    . DA  B 1 3  ? 6.578   0.063   -9.877  1.00 6.65  ? 15 DA  B N7    1 
ATOM   299 C C5    . DA  B 1 3  ? 7.669   0.258   -9.035  1.00 5.98  ? 15 DA  B C5    1 
ATOM   300 C C6    . DA  B 1 3  ? 8.387   -0.654  -8.223  1.00 5.99  ? 15 DA  B C6    1 
ATOM   301 N N6    . DA  B 1 3  ? 8.103   -1.942  -8.118  1.00 6.43  ? 15 DA  B N6    1 
ATOM   302 N N1    . DA  B 1 3  ? 9.420   -0.100  -7.532  1.00 6.23  ? 15 DA  B N1    1 
ATOM   303 C C2    . DA  B 1 3  ? 9.725   1.225   -7.639  1.00 6.04  ? 15 DA  B C2    1 
ATOM   304 N N3    . DA  B 1 3  ? 9.090   2.133   -8.391  1.00 5.37  ? 15 DA  B N3    1 
ATOM   305 C C4    . DA  B 1 3  ? 8.072   1.574   -9.062  1.00 5.73  ? 15 DA  B C4    1 
ATOM   306 P P     . DG  B 1 4  ? 5.714   7.795   -10.224 1.00 7.36  ? 16 DG  B P     1 
ATOM   307 O OP1   . DG  B 1 4  ? 5.614   8.949   -11.154 1.00 1.13  ? 16 DG  B OP1   1 
ATOM   308 O OP2   . DG  B 1 4  ? 6.474   8.138   -8.976  1.00 9.83  ? 16 DG  B OP2   1 
ATOM   309 O "O5'" . DG  B 1 4  ? 4.235   7.206   -9.857  1.00 8.52  ? 16 DG  B "O5'" 1 
ATOM   310 C "C5'" . DG  B 1 4  ? 3.473   6.666   -10.966 1.00 8.81  ? 16 DG  B "C5'" 1 
ATOM   311 C "C4'" . DG  B 1 4  ? 2.832   5.389   -10.487 1.00 8.62  ? 16 DG  B "C4'" 1 
ATOM   312 O "O4'" . DG  B 1 4  ? 3.805   4.542   -9.875  1.00 8.88  ? 16 DG  B "O4'" 1 
ATOM   313 C "C3'" . DG  B 1 4  ? 1.720   5.545   -9.460  1.00 8.57  ? 16 DG  B "C3'" 1 
ATOM   314 O "O3'" . DG  B 1 4  ? 0.443   5.325   -10.057 1.00 9.24  ? 16 DG  B "O3'" 1 
ATOM   315 C "C2'" . DG  B 1 4  ? 2.062   4.526   -8.371  1.00 8.45  ? 16 DG  B "C2'" 1 
ATOM   316 C "C1'" . DG  B 1 4  ? 3.008   3.605   -9.092  1.00 8.58  ? 16 DG  B "C1'" 1 
ATOM   317 N N9    . DG  B 1 4  ? 3.833   2.759   -8.230  1.00 8.52  ? 16 DG  B N9    1 
ATOM   318 C C8    . DG  B 1 4  ? 4.919   3.074   -7.463  1.00 8.12  ? 16 DG  B C8    1 
ATOM   319 N N7    . DG  B 1 4  ? 5.449   2.060   -6.829  1.00 7.79  ? 16 DG  B N7    1 
ATOM   320 C C5    . DG  B 1 4  ? 4.669   0.981   -7.218  1.00 8.10  ? 16 DG  B C5    1 
ATOM   321 C C6    . DG  B 1 4  ? 4.735   -0.400  -6.888  1.00 8.28  ? 16 DG  B C6    1 
ATOM   322 O O6    . DG  B 1 4  ? 5.543   -0.964  -6.140  1.00 8.00  ? 16 DG  B O6    1 
ATOM   323 N N1    . DG  B 1 4  ? 3.777   -1.177  -7.487  1.00 8.42  ? 16 DG  B N1    1 
ATOM   324 C C2    . DG  B 1 4  ? 2.831   -0.656  -8.327  1.00 8.55  ? 16 DG  B C2    1 
ATOM   325 N N2    . DG  B 1 4  ? 1.962   -1.547  -8.826  1.00 8.29  ? 16 DG  B N2    1 
ATOM   326 N N3    . DG  B 1 4  ? 2.722   0.627   -8.663  1.00 8.25  ? 16 DG  B N3    1 
ATOM   327 C C4    . DG  B 1 4  ? 3.673   1.386   -8.076  1.00 8.27  ? 16 DG  B C4    1 
ATOM   328 P P     . DA  B 1 5  ? -0.956  5.802   -9.425  1.00 10.71 ? 17 DA  B P     1 
ATOM   329 O OP1   . DA  B 1 5  ? -1.745  6.619   -10.402 1.00 11.00 ? 17 DA  B OP1   1 
ATOM   330 O OP2   . DA  B 1 5  ? -0.607  6.547   -8.216  1.00 8.63  ? 17 DA  B OP2   1 
ATOM   331 O "O5'" . DA  B 1 5  ? -1.655  4.371   -9.199  1.00 9.66  ? 17 DA  B "O5'" 1 
ATOM   332 C "C5'" . DA  B 1 5  ? -1.439  3.395   -10.274 1.00 9.18  ? 17 DA  B "C5'" 1 
ATOM   333 C "C4'" . DA  B 1 5  ? -1.853  2.081   -9.672  1.00 9.88  ? 17 DA  B "C4'" 1 
ATOM   334 O "O4'" . DA  B 1 5  ? -0.819  1.518   -8.892  1.00 10.43 ? 17 DA  B "O4'" 1 
ATOM   335 C "C3'" . DA  B 1 5  ? -3.066  2.159   -8.728  1.00 10.07 ? 17 DA  B "C3'" 1 
ATOM   336 O "O3'" . DA  B 1 5  ? -3.849  0.973   -8.799  1.00 10.32 ? 17 DA  B "O3'" 1 
ATOM   337 C "C2'" . DA  B 1 5  ? -2.359  2.354   -7.380  1.00 10.21 ? 17 DA  B "C2'" 1 
ATOM   338 C "C1'" . DA  B 1 5  ? -1.298  1.283   -7.532  1.00 9.89  ? 17 DA  B "C1'" 1 
ATOM   339 N N9    . DA  B 1 5  ? -0.188  1.413   -6.601  1.00 9.80  ? 17 DA  B N9    1 
ATOM   340 C C8    . DA  B 1 5  ? 0.479   2.553   -6.223  1.00 10.20 ? 17 DA  B C8    1 
ATOM   341 N N7    . DA  B 1 5  ? 1.463   2.343   -5.378  1.00 10.17 ? 17 DA  B N7    1 
ATOM   342 C C5    . DA  B 1 5  ? 1.452   0.966   -5.201  1.00 10.17 ? 17 DA  B C5    1 
ATOM   343 C C6    . DA  B 1 5  ? 2.264   0.116   -4.409  1.00 10.47 ? 17 DA  B C6    1 
ATOM   344 N N6    . DA  B 1 5  ? 3.264   0.539   -3.651  1.00 10.51 ? 17 DA  B N6    1 
ATOM   345 N N1    . DA  B 1 5  ? 1.941   -1.211  -4.472  1.00 10.37 ? 17 DA  B N1    1 
ATOM   346 C C2    . DA  B 1 5  ? 0.921   -1.670  -5.243  1.00 10.24 ? 17 DA  B C2    1 
ATOM   347 N N3    . DA  B 1 5  ? 0.135   -0.923  -6.024  1.00 10.15 ? 17 DA  B N3    1 
ATOM   348 C C4    . DA  B 1 5  ? 0.451   0.384   -5.951  1.00 9.80  ? 17 DA  B C4    1 
ATOM   349 P P     . DA  B 1 6  ? -5.402  0.899   -8.532  1.00 13.46 ? 18 DA  B P     1 
ATOM   350 O OP1   . DA  B 1 6  ? -6.170  0.435   -9.750  1.00 15.52 ? 18 DA  B OP1   1 
ATOM   351 O OP2   . DA  B 1 6  ? -5.781  2.298   -8.190  1.00 10.70 ? 18 DA  B OP2   1 
ATOM   352 O "O5'" . DA  B 1 6  ? -5.532  -0.228  -7.401  1.00 9.22  ? 18 DA  B "O5'" 1 
ATOM   353 C "C5'" . DA  B 1 6  ? -5.090  -1.562  -7.746  1.00 8.24  ? 18 DA  B "C5'" 1 
ATOM   354 C "C4'" . DA  B 1 6  ? -4.539  -2.186  -6.483  1.00 8.91  ? 18 DA  B "C4'" 1 
ATOM   355 O "O4'" . DA  B 1 6  ? -3.370  -1.532  -6.028  1.00 8.14  ? 18 DA  B "O4'" 1 
ATOM   356 C "C3'" . DA  B 1 6  ? -5.514  -2.204  -5.308  1.00 8.47  ? 18 DA  B "C3'" 1 
ATOM   357 O "O3'" . DA  B 1 6  ? -6.107  -3.504  -5.169  1.00 9.20  ? 18 DA  B "O3'" 1 
ATOM   358 C "C2'" . DA  B 1 6  ? -4.683  -1.810  -4.099  1.00 8.40  ? 18 DA  B "C2'" 1 
ATOM   359 C "C1'" . DA  B 1 6  ? -3.277  -1.773  -4.573  1.00 7.15  ? 18 DA  B "C1'" 1 
ATOM   360 N N9    . DA  B 1 6  ? -2.492  -0.676  -4.000  1.00 6.22  ? 18 DA  B N9    1 
ATOM   361 C C8    . DA  B 1 6  ? -2.568  0.663   -4.311  1.00 5.61  ? 18 DA  B C8    1 
ATOM   362 N N7    . DA  B 1 6  ? -1.671  1.402   -3.701  1.00 5.10  ? 18 DA  B N7    1 
ATOM   363 C C5    . DA  B 1 6  ? -0.949  0.490   -2.950  1.00 5.38  ? 18 DA  B C5    1 
ATOM   364 C C6    . DA  B 1 6  ? 0.141   0.666   -2.063  1.00 5.52  ? 18 DA  B C6    1 
ATOM   365 N N6    . DA  B 1 6  ? 0.692   1.832   -1.780  1.00 4.52  ? 18 DA  B N6    1 
ATOM   366 N N1    . DA  B 1 6  ? 0.599   -0.490  -1.487  1.00 5.68  ? 18 DA  B N1    1 
ATOM   367 C C2    . DA  B 1 6  ? 0.038   -1.702  -1.756  1.00 5.32  ? 18 DA  B C2    1 
ATOM   368 N N3    . DA  B 1 6  ? -0.987  -1.935  -2.563  1.00 5.29  ? 18 DA  B N3    1 
ATOM   369 C C4    . DA  B 1 6  ? -1.433  -0.792  -3.125  1.00 5.78  ? 18 DA  B C4    1 
ATOM   370 P P     . DT  B 1 7  ? -7.172  -3.827  -4.022  1.00 14.30 ? 19 DT  B P     1 
ATOM   371 O OP1   . DT  B 1 7  ? -8.297  -4.653  -4.646  1.00 17.95 ? 19 DT  B OP1   1 
ATOM   372 O OP2   . DT  B 1 7  ? -7.663  -2.506  -3.580  1.00 11.55 ? 19 DT  B OP2   1 
ATOM   373 O "O5'" . DT  B 1 7  ? -6.411  -4.715  -2.963  1.00 8.50  ? 19 DT  B "O5'" 1 
ATOM   374 C "C5'" . DT  B 1 7  ? -5.197  -5.418  -3.378  1.00 8.38  ? 19 DT  B "C5'" 1 
ATOM   375 C "C4'" . DT  B 1 7  ? -4.333  -5.415  -2.120  1.00 8.38  ? 19 DT  B "C4'" 1 
ATOM   376 O "O4'" . DT  B 1 7  ? -3.703  -4.152  -1.960  1.00 8.05  ? 19 DT  B "O4'" 1 
ATOM   377 C "C3'" . DT  B 1 7  ? -5.114  -5.684  -0.848  1.00 8.41  ? 19 DT  B "C3'" 1 
ATOM   378 O "O3'" . DT  B 1 7  ? -4.692  -6.897  -0.201  1.00 9.07  ? 19 DT  B "O3'" 1 
ATOM   379 C "C2'" . DT  B 1 7  ? -4.875  -4.455  0.031   1.00 8.02  ? 19 DT  B "C2'" 1 
ATOM   380 C "C1'" . DT  B 1 7  ? -3.575  -3.948  -0.503  1.00 7.23  ? 19 DT  B "C1'" 1 
ATOM   381 N N1    . DT  B 1 7  ? -3.317  -2.532  -0.237  1.00 5.81  ? 19 DT  B N1    1 
ATOM   382 C C2    . DT  B 1 7  ? -2.238  -2.227  0.591   1.00 5.71  ? 19 DT  B C2    1 
ATOM   383 O O2    . DT  B 1 7  ? -1.578  -3.135  1.109   1.00 4.70  ? 19 DT  B O2    1 
ATOM   384 N N3    . DT  B 1 7  ? -1.957  -0.905  0.808   1.00 4.90  ? 19 DT  B N3    1 
ATOM   385 C C4    . DT  B 1 7  ? -2.671  0.092   0.219   1.00 4.98  ? 19 DT  B C4    1 
ATOM   386 O O4    . DT  B 1 7  ? -2.351  1.293   0.467   1.00 4.46  ? 19 DT  B O4    1 
ATOM   387 C C5    . DT  B 1 7  ? -3.759  -0.245  -0.652  1.00 4.71  ? 19 DT  B C5    1 
ATOM   388 C C7    . DT  B 1 7  ? -4.574  0.824   -1.315  1.00 4.19  ? 19 DT  B C7    1 
ATOM   389 C C6    . DT  B 1 7  ? -4.026  -1.539  -0.845  1.00 4.86  ? 19 DT  B C6    1 
ATOM   390 P P     . DT  B 1 8  ? -5.564  -7.375  1.071   1.00 12.34 ? 20 DT  B P     1 
ATOM   391 O OP1   . DT  B 1 8  ? -5.719  -8.852  1.062   1.00 10.36 ? 20 DT  B OP1   1 
ATOM   392 O OP2   . DT  B 1 8  ? -6.802  -6.567  0.947   1.00 13.52 ? 20 DT  B OP2   1 
ATOM   393 O "O5'" . DT  B 1 8  ? -4.665  -6.912  2.333   1.00 10.85 ? 20 DT  B "O5'" 1 
ATOM   394 C "C5'" . DT  B 1 8  ? -3.341  -7.530  2.359   1.00 10.17 ? 20 DT  B "C5'" 1 
ATOM   395 C "C4'" . DT  B 1 8  ? -2.522  -6.694  3.308   1.00 9.90  ? 20 DT  B "C4'" 1 
ATOM   396 O "O4'" . DT  B 1 8  ? -2.568  -5.325  2.945   1.00 9.89  ? 20 DT  B "O4'" 1 
ATOM   397 C "C3'" . DT  B 1 8  ? -2.988  -6.774  4.763   1.00 9.64  ? 20 DT  B "C3'" 1 
ATOM   398 O "O3'" . DT  B 1 8  ? -1.872  -6.946  5.625   1.00 10.64 ? 20 DT  B "O3'" 1 
ATOM   399 C "C2'" . DT  B 1 8  ? -3.662  -5.414  4.986   1.00 9.58  ? 20 DT  B "C2'" 1 
ATOM   400 C "C1'" . DT  B 1 8  ? -2.709  -4.554  4.183   1.00 8.78  ? 20 DT  B "C1'" 1 
ATOM   401 N N1    . DT  B 1 8  ? -3.205  -3.205  3.924   1.00 7.59  ? 20 DT  B N1    1 
ATOM   402 C C2    . DT  B 1 8  ? -2.402  -2.152  4.368   1.00 6.90  ? 20 DT  B C2    1 
ATOM   403 O O2    . DT  B 1 8  ? -1.361  -2.380  4.987   1.00 5.73  ? 20 DT  B O2    1 
ATOM   404 N N3    . DT  B 1 8  ? -2.820  -0.885  4.089   1.00 6.51  ? 20 DT  B N3    1 
ATOM   405 C C4    . DT  B 1 8  ? -3.969  -0.629  3.412   1.00 6.47  ? 20 DT  B C4    1 
ATOM   406 O O4    . DT  B 1 8  ? -4.269  0.586   3.213   1.00 6.76  ? 20 DT  B O4    1 
ATOM   407 C C5    . DT  B 1 8  ? -4.778  -1.707  2.966   1.00 6.44  ? 20 DT  B C5    1 
ATOM   408 C C7    . DT  B 1 8  ? -6.053  -1.446  2.216   1.00 6.13  ? 20 DT  B C7    1 
ATOM   409 C C6    . DT  B 1 8  ? -4.355  -2.951  3.234   1.00 7.01  ? 20 DT  B C6    1 
ATOM   410 P P     . DC  B 1 9  ? -1.964  -7.785  6.987   1.00 17.07 ? 21 DC  B P     1 
ATOM   411 O OP1   . DC  B 1 9  ? -1.288  -9.121  6.814   1.00 15.95 ? 21 DC  B OP1   1 
ATOM   412 O OP2   . DC  B 1 9  ? -3.427  -7.897  7.240   1.00 19.53 ? 21 DC  B OP2   1 
ATOM   413 O "O5'" . DC  B 1 9  ? -1.159  -6.872  7.998   1.00 14.62 ? 21 DC  B "O5'" 1 
ATOM   414 C "C5'" . DC  B 1 9  ? -0.114  -5.984  7.450   1.00 13.55 ? 21 DC  B "C5'" 1 
ATOM   415 C "C4'" . DC  B 1 9  ? -0.279  -4.749  8.331   1.00 13.68 ? 21 DC  B "C4'" 1 
ATOM   416 O "O4'" . DC  B 1 9  ? -1.118  -3.807  7.718   1.00 13.33 ? 21 DC  B "O4'" 1 
ATOM   417 C "C3'" . DC  B 1 9  ? -0.922  -5.085  9.694   1.00 13.16 ? 21 DC  B "C3'" 1 
ATOM   418 O "O3'" . DC  B 1 9  ? 0.055   -4.948  10.716  1.00 14.18 ? 21 DC  B "O3'" 1 
ATOM   419 C "C2'" . DC  B 1 9  ? -2.112  -4.151  9.798   1.00 12.69 ? 21 DC  B "C2'" 1 
ATOM   420 C "C1'" . DC  B 1 9  ? -1.776  -3.076  8.820   1.00 12.01 ? 21 DC  B "C1'" 1 
ATOM   421 N N1    . DC  B 1 9  ? -2.906  -2.343  8.256   1.00 10.80 ? 21 DC  B N1    1 
ATOM   422 C C2    . DC  B 1 9  ? -2.752  -0.961  8.155   1.00 10.43 ? 21 DC  B C2    1 
ATOM   423 O O2    . DC  B 1 9  ? -1.738  -0.419  8.588   1.00 10.91 ? 21 DC  B O2    1 
ATOM   424 N N3    . DC  B 1 9  ? -3.766  -0.239  7.586   1.00 9.40  ? 21 DC  B N3    1 
ATOM   425 C C4    . DC  B 1 9  ? -4.866  -0.845  7.067   1.00 9.24  ? 21 DC  B C4    1 
ATOM   426 N N4    . DC  B 1 9  ? -5.812  -0.091  6.512   1.00 8.17  ? 21 DC  B N4    1 
ATOM   427 C C5    . DC  B 1 9  ? -5.005  -2.262  7.146   1.00 9.27  ? 21 DC  B C5    1 
ATOM   428 C C6    . DC  B 1 9  ? -4.008  -2.951  7.723   1.00 9.99  ? 21 DC  B C6    1 
HETATM 429 P P     . 6OG B 1 10 ? -0.246  -4.989  12.264  1.00 26.45 ? 22 6OG B P     1 
HETATM 430 O OP1   . 6OG B 1 10 ? 0.981   -5.488  13.038  1.00 23.13 ? 22 6OG B OP1   1 
HETATM 431 O OP2   . 6OG B 1 10 ? -1.437  -5.871  12.418  1.00 24.45 ? 22 6OG B OP2   1 
HETATM 432 O "O5'" . 6OG B 1 10 ? -0.512  -3.449  12.636  1.00 16.05 ? 22 6OG B "O5'" 1 
HETATM 433 N N9    . 6OG B 1 10 ? -3.314  -1.127  12.253  1.00 12.12 ? 22 6OG B N9    1 
HETATM 434 C C4    . 6OG B 1 10 ? -4.109  -0.294  11.478  1.00 11.87 ? 22 6OG B C4    1 
HETATM 435 N N3    . 6OG B 1 10 ? -3.927  1.033   11.287  1.00 11.60 ? 22 6OG B N3    1 
HETATM 436 C C2    . 6OG B 1 10 ? -4.865  1.544   10.492  1.00 11.55 ? 22 6OG B C2    1 
HETATM 437 N N2    . 6OG B 1 10 ? -4.825  2.854   10.200  1.00 12.50 ? 22 6OG B N2    1 
HETATM 438 N N1    . 6OG B 1 10 ? -5.899  0.868   9.924   1.00 11.13 ? 22 6OG B N1    1 
HETATM 439 C C6    . 6OG B 1 10 ? -6.092  -0.472  10.149  1.00 11.64 ? 22 6OG B C6    1 
HETATM 440 O O6    . 6OG B 1 10 ? -7.222  -1.110  9.538   1.00 11.54 ? 22 6OG B O6    1 
HETATM 441 C C5    . 6OG B 1 10 ? -5.118  -1.094  10.972  1.00 11.78 ? 22 6OG B C5    1 
HETATM 442 N N7    . 6OG B 1 10 ? -4.971  -2.404  11.422  1.00 11.34 ? 22 6OG B N7    1 
HETATM 443 C C8    . 6OG B 1 10 ? -3.893  -2.362  12.163  1.00 11.88 ? 22 6OG B C8    1 
HETATM 444 C "C2'" . 6OG B 1 10 ? -1.796  -1.388  14.223  1.00 12.33 ? 22 6OG B "C2'" 1 
HETATM 445 C "C5'" . 6OG B 1 10 ? 0.438   -2.483  12.050  1.00 13.59 ? 22 6OG B "C5'" 1 
HETATM 446 C "C4'" . 6OG B 1 10 ? 0.092   -1.189  12.769  1.00 13.68 ? 22 6OG B "C4'" 1 
HETATM 447 O "O4'" . 6OG B 1 10 ? -0.979  -0.525  12.169  1.00 13.03 ? 22 6OG B "O4'" 1 
HETATM 448 C "C1'" . 6OG B 1 10 ? -2.148  -0.599  13.003  1.00 12.32 ? 22 6OG B "C1'" 1 
HETATM 449 C "C3'" . 6OG B 1 10 ? -0.294  -1.427  14.248  1.00 12.89 ? 22 6OG B "C3'" 1 
HETATM 450 O "O3'" . 6OG B 1 10 ? 0.366   -0.491  15.088  1.00 13.34 ? 22 6OG B "O3'" 1 
HETATM 451 C C     . 6OG B 1 10 ? -7.286  -2.551  9.624   1.00 11.28 ? 22 6OG B C     1 
ATOM   452 P P     . DC  B 1 11 ? 0.171   -0.352  16.671  1.00 16.05 ? 23 DC  B P     1 
ATOM   453 O OP1   . DC  B 1 11 ? 1.421   -0.288  17.464  1.00 11.63 ? 23 DC  B OP1   1 
ATOM   454 O OP2   . DC  B 1 11 ? -0.676  -1.511  17.028  1.00 11.62 ? 23 DC  B OP2   1 
ATOM   455 O "O5'" . DC  B 1 11 ? -0.590  1.098   16.676  1.00 14.83 ? 23 DC  B "O5'" 1 
ATOM   456 C "C5'" . DC  B 1 11 ? -0.162  2.005   15.590  1.00 14.29 ? 23 DC  B "C5'" 1 
ATOM   457 C "C4'" . DC  B 1 11 ? -0.995  3.259   15.763  1.00 13.85 ? 23 DC  B "C4'" 1 
ATOM   458 O "O4'" . DC  B 1 11 ? -2.161  3.288   14.980  1.00 13.95 ? 23 DC  B "O4'" 1 
ATOM   459 C "C3'" . DC  B 1 11 ? -1.471  3.464   17.207  1.00 13.66 ? 23 DC  B "C3'" 1 
ATOM   460 O "O3'" . DC  B 1 11 ? -1.484  4.849   17.550  1.00 13.73 ? 23 DC  B "O3'" 1 
ATOM   461 C "C2'" . DC  B 1 11 ? -2.834  2.777   17.184  1.00 13.60 ? 23 DC  B "C2'" 1 
ATOM   462 C "C1'" . DC  B 1 11 ? -3.333  3.177   15.800  1.00 13.52 ? 23 DC  B "C1'" 1 
ATOM   463 N N1    . DC  B 1 11 ? -4.298  2.191   15.287  1.00 13.02 ? 23 DC  B N1    1 
ATOM   464 C C2    . DC  B 1 11 ? -5.237  2.667   14.375  1.00 13.03 ? 23 DC  B C2    1 
ATOM   465 O O2    . DC  B 1 11 ? -5.225  3.842   14.017  1.00 13.18 ? 23 DC  B O2    1 
ATOM   466 N N3    . DC  B 1 11 ? -6.160  1.784   13.886  1.00 12.59 ? 23 DC  B N3    1 
ATOM   467 C C4    . DC  B 1 11 ? -6.171  0.472   14.262  1.00 12.43 ? 23 DC  B C4    1 
ATOM   468 N N4    . DC  B 1 11 ? -7.085  -0.339  13.731  1.00 11.54 ? 23 DC  B N4    1 
ATOM   469 C C5    . DC  B 1 11 ? -5.216  -0.006  15.206  1.00 12.35 ? 23 DC  B C5    1 
ATOM   470 C C6    . DC  B 1 11 ? -4.321  0.881   15.673  1.00 13.01 ? 23 DC  B C6    1 
ATOM   471 P P     . DG  B 1 12 ? -2.246  5.255   18.933  1.00 12.74 ? 24 DG  B P     1 
ATOM   472 O OP1   . DG  B 1 12 ? -1.244  5.872   19.869  1.00 13.12 ? 24 DG  B OP1   1 
ATOM   473 O OP2   . DG  B 1 12 ? -2.716  3.938   19.423  1.00 12.71 ? 24 DG  B OP2   1 
ATOM   474 O "O5'" . DG  B 1 12 ? -3.352  6.270   18.431  1.00 9.85  ? 24 DG  B "O5'" 1 
ATOM   475 C "C5'" . DG  B 1 12 ? -2.902  7.655   18.272  1.00 11.39 ? 24 DG  B "C5'" 1 
ATOM   476 C "C4'" . DG  B 1 12 ? -4.112  8.381   17.700  1.00 11.66 ? 24 DG  B "C4'" 1 
ATOM   477 O "O4'" . DG  B 1 12 ? -4.437  7.780   16.473  1.00 12.52 ? 24 DG  B "O4'" 1 
ATOM   478 C "C3'" . DG  B 1 12 ? -5.354  8.318   18.565  1.00 11.74 ? 24 DG  B "C3'" 1 
ATOM   479 O "O3'" . DG  B 1 12 ? -5.539  9.520   19.352  1.00 11.55 ? 24 DG  B "O3'" 1 
ATOM   480 C "C2'" . DG  B 1 12 ? -6.477  8.122   17.576  1.00 12.00 ? 24 DG  B "C2'" 1 
ATOM   481 C "C1'" . DG  B 1 12 ? -5.811  7.507   16.354  1.00 11.83 ? 24 DG  B "C1'" 1 
ATOM   482 N N9    . DG  B 1 12 ? -6.184  6.076   16.355  1.00 11.34 ? 24 DG  B N9    1 
ATOM   483 C C8    . DG  B 1 12 ? -5.577  5.003   16.922  1.00 11.37 ? 24 DG  B C8    1 
ATOM   484 N N7    . DG  B 1 12 ? -6.218  3.869   16.756  1.00 11.12 ? 24 DG  B N7    1 
ATOM   485 C C5    . DG  B 1 12 ? -7.343  4.235   16.021  1.00 11.38 ? 24 DG  B C5    1 
ATOM   486 C C6    . DG  B 1 12 ? -8.441  3.479   15.534  1.00 11.69 ? 24 DG  B C6    1 
ATOM   487 O O6    . DG  B 1 12 ? -8.627  2.260   15.659  1.00 11.59 ? 24 DG  B O6    1 
ATOM   488 N N1    . DG  B 1 12 ? -9.398  4.217   14.876  1.00 11.84 ? 24 DG  B N1    1 
ATOM   489 C C2    . DG  B 1 12 ? -9.261  5.561   14.675  1.00 12.09 ? 24 DG  B C2    1 
ATOM   490 N N2    . DG  B 1 12 ? -10.254 6.152   13.991  1.00 12.47 ? 24 DG  B N2    1 
ATOM   491 N N3    . DG  B 1 12 ? -8.257  6.314   15.100  1.00 11.72 ? 24 DG  B N3    1 
ATOM   492 C C4    . DG  B 1 12 ? -7.340  5.590   15.777  1.00 11.30 ? 24 DG  B C4    1 
HETATM 493 O O     . HOH C 2 .  ? -11.241 0.404   8.528   1.00 24.04 ? 25 HOH A O     1 
HETATM 494 O O     . HOH C 2 .  ? -2.779  15.681  7.220   1.00 24.72 ? 26 HOH A O     1 
HETATM 495 O O     . HOH C 2 .  ? -4.946  13.815  4.526   1.00 25.37 ? 27 HOH A O     1 
HETATM 496 O O     . HOH C 2 .  ? -6.233  4.537   3.736   1.00 35.41 ? 28 HOH A O     1 
HETATM 497 O O     . HOH C 2 .  ? 4.487   6.247   10.710  1.00 34.13 ? 29 HOH A O     1 
HETATM 498 O O     . HOH C 2 .  ? -0.851  13.479  4.061   1.00 33.65 ? 30 HOH A O     1 
HETATM 499 O O     . HOH C 2 .  ? -1.478  7.335   2.724   1.00 23.16 ? 31 HOH A O     1 
HETATM 500 O O     . HOH C 2 .  ? -2.038  4.734   1.903   1.00 23.06 ? 32 HOH A O     1 
HETATM 501 O O     . HOH C 2 .  ? 9.149   2.479   6.859   1.00 18.91 ? 33 HOH A O     1 
HETATM 502 O O     . HOH C 2 .  ? 7.490   7.385   5.872   1.00 28.88 ? 34 HOH A O     1 
HETATM 503 O O     . HOH C 2 .  ? 2.912   -1.476  7.607   1.00 23.36 ? 35 HOH A O     1 
HETATM 504 O O     . HOH C 2 .  ? 9.287   5.156   10.241  1.00 21.72 ? 36 HOH A O     1 
HETATM 505 O O     . HOH C 2 .  ? 6.721   3.379   4.639   1.00 23.73 ? 37 HOH A O     1 
HETATM 506 O O     . HOH C 2 .  ? 4.338   3.553   -1.890  1.00 16.54 ? 38 HOH A O     1 
HETATM 507 O O     . HOH C 2 .  ? 2.880   -6.944  5.182   1.00 32.73 ? 39 HOH A O     1 
HETATM 508 O O     . HOH C 2 .  ? 8.002   -0.818  3.036   1.00 19.93 ? 40 HOH A O     1 
HETATM 509 O O     . HOH C 2 .  ? 7.867   0.502   -1.579  1.00 22.89 ? 41 HOH A O     1 
HETATM 510 O O     . HOH C 2 .  ? 1.167   -5.015  1.323   1.00 29.06 ? 42 HOH A O     1 
HETATM 511 O O     . HOH C 2 .  ? -1.056  -3.537  -7.399  1.00 20.73 ? 43 HOH A O     1 
HETATM 512 O O     . HOH C 2 .  ? -0.848  -5.240  -3.036  1.00 31.46 ? 44 HOH A O     1 
HETATM 513 O O     . HOH C 2 .  ? -3.979  -7.259  -7.988  1.00 22.46 ? 45 HOH A O     1 
HETATM 514 O O     . HOH C 2 .  ? -0.841  -12.296 -10.832 1.00 21.16 ? 46 HOH A O     1 
HETATM 515 O O     . HOH C 2 .  ? -0.331  -11.116 -6.020  1.00 32.19 ? 47 HOH A O     1 
HETATM 516 O O     . HOH C 2 .  ? -4.210  -10.165 -10.618 1.00 25.92 ? 48 HOH A O     1 
HETATM 517 O O     . HOH C 2 .  ? 1.301   -8.522  -15.847 1.00 17.53 ? 49 HOH A O     1 
HETATM 518 O O     . HOH C 2 .  ? -0.420  -3.522  -21.094 1.00 28.65 ? 50 HOH A O     1 
HETATM 519 O O     . HOH C 2 .  ? 1.164   -3.320  5.127   1.00 32.04 ? 68 HOH A O     1 
HETATM 520 O O     . HOH D 2 .  ? 9.505   -5.482  -10.244 1.00 28.13 ? 51 HOH B O     1 
HETATM 521 O O     . HOH D 2 .  ? 11.370  -0.703  -5.945  1.00 17.75 ? 52 HOH B O     1 
HETATM 522 O O     . HOH D 2 .  ? 8.960   -3.885  -6.736  1.00 32.82 ? 53 HOH B O     1 
HETATM 523 O O     . HOH D 2 .  ? 14.119  1.943   -6.915  1.00 28.12 ? 54 HOH B O     1 
HETATM 524 O O     . HOH D 2 .  ? 2.606   10.208  -10.299 1.00 12.60 ? 55 HOH B O     1 
HETATM 525 O O     . HOH D 2 .  ? -2.061  4.168   -4.228  1.00 34.24 ? 56 HOH B O     1 
HETATM 526 O O     . HOH D 2 .  ? -5.553  -1.877  -10.851 1.00 33.10 ? 57 HOH B O     1 
HETATM 527 O O     . HOH D 2 .  ? -5.515  4.261   -6.586  1.00 33.76 ? 58 HOH B O     1 
HETATM 528 O O     . HOH D 2 .  ? -6.791  -6.657  -5.547  1.00 33.50 ? 59 HOH B O     1 
HETATM 529 O O     . HOH D 2 .  ? -2.620  -9.121  -0.027  1.00 37.60 ? 60 HOH B O     1 
HETATM 530 O O     . HOH D 2 .  ? -11.441 -4.805  -3.896  1.00 27.07 ? 61 HOH B O     1 
HETATM 531 O O     . HOH D 2 .  ? -8.293  -0.199  4.243   1.00 34.66 ? 62 HOH B O     1 
HETATM 532 O O     . HOH D 2 .  ? -6.564  -11.909 0.265   1.00 37.03 ? 63 HOH B O     1 
HETATM 533 O O     . HOH D 2 .  ? -6.788  -7.870  3.693   1.00 31.99 ? 64 HOH B O     1 
HETATM 534 O O     . HOH D 2 .  ? -7.783  -8.093  -0.593  1.00 22.59 ? 65 HOH B O     1 
HETATM 535 O O     . HOH D 2 .  ? 0.153   -8.218  4.517   1.00 31.02 ? 66 HOH B O     1 
HETATM 536 O O     . HOH D 2 .  ? -9.374  -4.595  0.461   1.00 21.62 ? 67 HOH B O     1 
HETATM 537 O O     . HOH D 2 .  ? -5.913  2.142   2.132   1.00 24.18 ? 69 HOH B O     1 
HETATM 538 O O     . HOH D 2 .  ? 0.630   0.053   8.962   1.00 24.22 ? 70 HOH B O     1 
HETATM 539 O O     . HOH D 2 .  ? -0.945  -7.793  13.956  1.00 24.93 ? 71 HOH B O     1 
HETATM 540 O O     . HOH D 2 .  ? -3.736  -6.719  10.787  1.00 36.07 ? 72 HOH B O     1 
HETATM 541 O O     . HOH D 2 .  ? -2.295  3.479   21.697  1.00 23.90 ? 73 HOH B O     1 
# 
